data_7ZIC
#
_entry.id   7ZIC
#
_cell.length_a   136.233
_cell.length_b   68.684
_cell.length_c   144.472
_cell.angle_alpha   90.000
_cell.angle_beta   93.968
_cell.angle_gamma   90.000
#
_symmetry.space_group_name_H-M   'C 1 2 1'
#
loop_
_entity.id
_entity.type
_entity.pdbx_description
1 polymer 'Steroid C26-monooxygenase'
2 non-polymer GLYCEROL
3 non-polymer ~{N}-[(4-methoxyphenyl)methyl]-4-(pyridin-4-ylmethyl)aniline
4 non-polymer 'PROTOPORPHYRIN IX CONTAINING FE'
5 non-polymer 'SULFATE ION'
6 non-polymer 'CHLORIDE ION'
7 water water
#
_entity_poly.entity_id   1
_entity_poly.type   'polypeptide(L)'
_entity_poly.pdbx_seq_one_letter_code
;NGPSPNLPPGFDFTDPAIYAERLPVAEFAELRSAAPIWWNGQDPGKGGGFHDGGFWAITKLNDVKEISRHSDVFSSYENG
VIPRFKNDIAREDIEVQRFVMLNMDAPHHTRLRKIISRGFTPRAVGRLHDELQERAQKIAAEAAAAGSGDFVEQVSCELP
LQAIAGLLGVPQEDRGKLFHWSNEMTGNEDPEYAHIDPKASSAELIGYAMKMAEEKAKNPADDIVTQLIQADIDGEKLSD
DEFGFFVVMLAVAGNETTRNSITQGMMAFAEHPDQWELYKKVRPETAADEIVRWATPVTAFQRTALRDYELSGVQIKKGQ
RVVMFYRSANFDEEVFQDPFTFNILRNPNPHVGFGGTGAHYCIGANLARMTINLIFNAVADHMPDLKPISAPERLRSGWL
NGIKHWQVDYTGRCPVAH
;
_entity_poly.pdbx_strand_id   A,B,C
#
# COMPACT_ATOMS: atom_id res chain seq x y z
N GLY A 2 -18.88 -60.57 -4.89
CA GLY A 2 -19.94 -61.05 -4.00
C GLY A 2 -21.18 -60.17 -4.04
N PRO A 3 -22.13 -60.42 -3.14
CA PRO A 3 -23.37 -59.63 -3.13
C PRO A 3 -23.09 -58.16 -2.88
N SER A 4 -24.01 -57.30 -3.34
CA SER A 4 -23.89 -55.88 -3.10
C SER A 4 -24.09 -55.58 -1.61
N PRO A 5 -23.51 -54.50 -1.10
CA PRO A 5 -23.69 -54.19 0.32
C PRO A 5 -25.14 -53.81 0.59
N ASN A 6 -25.62 -54.22 1.76
CA ASN A 6 -26.99 -53.93 2.20
C ASN A 6 -27.04 -52.50 2.69
N LEU A 7 -27.30 -51.58 1.76
CA LEU A 7 -27.42 -50.15 2.03
C LEU A 7 -28.67 -49.64 1.35
N PRO A 8 -29.28 -48.59 1.88
CA PRO A 8 -30.43 -47.99 1.18
C PRO A 8 -30.05 -47.60 -0.22
N PRO A 9 -30.95 -47.75 -1.20
CA PRO A 9 -30.64 -47.29 -2.56
C PRO A 9 -30.22 -45.83 -2.56
N GLY A 10 -29.14 -45.52 -3.25
CA GLY A 10 -28.67 -44.17 -3.40
C GLY A 10 -27.95 -43.61 -2.20
N PHE A 11 -27.69 -44.42 -1.19
CA PHE A 11 -26.98 -43.98 0.00
C PHE A 11 -25.64 -43.31 -0.37
N ASP A 12 -25.40 -42.12 0.17
CA ASP A 12 -24.17 -41.37 -0.08
C ASP A 12 -23.49 -41.10 1.25
N PHE A 13 -22.28 -41.65 1.43
CA PHE A 13 -21.58 -41.58 2.70
C PHE A 13 -21.05 -40.19 3.01
N THR A 14 -21.20 -39.24 2.08
CA THR A 14 -20.87 -37.84 2.35
C THR A 14 -22.12 -36.98 2.55
N ASP A 15 -23.28 -37.60 2.68
CA ASP A 15 -24.56 -36.87 2.77
C ASP A 15 -24.66 -36.13 4.10
N PRO A 16 -24.64 -34.80 4.11
CA PRO A 16 -24.73 -34.09 5.39
C PRO A 16 -25.97 -34.45 6.18
N ALA A 17 -27.07 -34.81 5.53
CA ALA A 17 -28.32 -35.11 6.24
C ALA A 17 -28.17 -36.33 7.13
N ILE A 18 -27.26 -37.24 6.79
CA ILE A 18 -26.94 -38.32 7.71
C ILE A 18 -26.27 -37.80 8.97
N TYR A 19 -25.16 -37.08 8.80
CA TYR A 19 -24.34 -36.66 9.94
C TYR A 19 -25.07 -35.67 10.85
N ALA A 20 -26.08 -34.97 10.35
CA ALA A 20 -26.88 -34.12 11.24
C ALA A 20 -27.62 -34.94 12.27
N GLU A 21 -27.81 -36.22 12.02
CA GLU A 21 -28.55 -37.10 12.92
C GLU A 21 -27.70 -38.13 13.61
N ARG A 22 -26.70 -38.68 12.91
CA ARG A 22 -26.01 -39.85 13.40
C ARG A 22 -24.74 -40.08 12.60
N LEU A 23 -23.86 -40.90 13.14
CA LEU A 23 -22.75 -41.49 12.41
C LEU A 23 -23.18 -42.82 11.79
N PRO A 24 -23.02 -43.01 10.48
CA PRO A 24 -23.50 -44.24 9.80
C PRO A 24 -22.59 -45.43 10.06
N VAL A 25 -22.50 -45.82 11.34
CA VAL A 25 -21.51 -46.82 11.75
C VAL A 25 -21.85 -48.19 11.16
N ALA A 26 -23.11 -48.60 11.25
CA ALA A 26 -23.49 -49.89 10.68
C ALA A 26 -23.24 -49.90 9.18
N GLU A 27 -23.46 -48.77 8.52
CA GLU A 27 -23.27 -48.74 7.08
C GLU A 27 -21.80 -48.90 6.71
N PHE A 28 -20.91 -48.19 7.39
CA PHE A 28 -19.47 -48.40 7.19
C PHE A 28 -19.07 -49.85 7.45
N ALA A 29 -19.60 -50.46 8.52
CA ALA A 29 -19.21 -51.83 8.82
C ALA A 29 -19.69 -52.76 7.72
N GLU A 30 -20.85 -52.45 7.13
CA GLU A 30 -21.35 -53.28 6.04
C GLU A 30 -20.40 -53.23 4.85
N LEU A 31 -19.85 -52.05 4.54
CA LEU A 31 -18.89 -51.95 3.46
C LEU A 31 -17.60 -52.70 3.78
N ARG A 32 -17.08 -52.54 4.99
CA ARG A 32 -15.85 -53.25 5.35
C ARG A 32 -16.04 -54.76 5.16
N SER A 33 -17.22 -55.29 5.48
CA SER A 33 -17.49 -56.72 5.32
C SER A 33 -17.77 -57.13 3.87
N ALA A 34 -18.57 -56.35 3.15
CA ALA A 34 -19.09 -56.79 1.87
C ALA A 34 -18.53 -56.06 0.66
N ALA A 35 -17.96 -54.88 0.80
CA ALA A 35 -17.44 -54.16 -0.36
C ALA A 35 -16.48 -53.09 0.16
N PRO A 36 -15.29 -53.50 0.62
CA PRO A 36 -14.40 -52.55 1.33
C PRO A 36 -13.95 -51.38 0.49
N ILE A 37 -13.91 -51.54 -0.82
CA ILE A 37 -13.77 -50.44 -1.77
C ILE A 37 -15.02 -50.50 -2.65
N TRP A 38 -15.81 -49.43 -2.62
CA TRP A 38 -17.15 -49.43 -3.17
C TRP A 38 -17.43 -48.12 -3.89
N TRP A 39 -17.97 -48.22 -5.09
CA TRP A 39 -18.32 -47.02 -5.85
C TRP A 39 -19.56 -46.38 -5.24
N ASN A 40 -19.39 -45.16 -4.71
CA ASN A 40 -20.45 -44.34 -4.11
C ASN A 40 -20.97 -43.43 -5.22
N GLY A 41 -22.01 -43.87 -5.92
CA GLY A 41 -22.57 -43.04 -6.97
C GLY A 41 -23.28 -41.82 -6.42
N GLN A 42 -23.24 -40.73 -7.18
CA GLN A 42 -23.92 -39.49 -6.84
C GLN A 42 -24.74 -39.00 -8.03
N ASP A 43 -26.01 -38.71 -7.78
CA ASP A 43 -26.91 -38.21 -8.81
C ASP A 43 -26.52 -36.82 -9.29
N PRO A 44 -26.93 -36.45 -10.51
CA PRO A 44 -26.60 -35.11 -11.01
C PRO A 44 -27.03 -34.05 -10.01
N GLY A 45 -26.14 -33.10 -9.74
CA GLY A 45 -26.43 -32.02 -8.82
C GLY A 45 -26.35 -32.37 -7.35
N LYS A 46 -25.94 -33.58 -7.01
CA LYS A 46 -25.95 -34.02 -5.62
C LYS A 46 -24.57 -34.45 -5.16
N GLY A 47 -23.53 -33.99 -5.83
CA GLY A 47 -22.16 -34.34 -5.58
C GLY A 47 -21.43 -33.44 -4.61
N GLY A 48 -22.13 -32.54 -3.93
CA GLY A 48 -21.44 -31.69 -2.97
C GLY A 48 -20.39 -30.79 -3.58
N GLY A 49 -20.59 -30.36 -4.82
CA GLY A 49 -19.64 -29.53 -5.52
C GLY A 49 -18.84 -30.24 -6.57
N PHE A 50 -18.86 -31.57 -6.59
CA PHE A 50 -18.13 -32.37 -7.56
C PHE A 50 -19.12 -33.04 -8.48
N HIS A 51 -18.83 -32.98 -9.78
CA HIS A 51 -19.78 -33.30 -10.83
C HIS A 51 -19.22 -34.41 -11.72
N ASP A 52 -18.82 -35.52 -11.09
CA ASP A 52 -18.15 -36.59 -11.79
C ASP A 52 -18.83 -37.93 -11.58
N GLY A 53 -20.01 -37.95 -10.98
CA GLY A 53 -20.80 -39.17 -10.92
C GLY A 53 -20.61 -39.98 -9.67
N GLY A 54 -19.63 -39.67 -8.85
CA GLY A 54 -19.45 -40.38 -7.60
C GLY A 54 -17.99 -40.53 -7.30
N PHE A 55 -17.72 -41.44 -6.36
CA PHE A 55 -16.35 -41.63 -5.89
C PHE A 55 -16.22 -43.03 -5.34
N TRP A 56 -14.97 -43.45 -5.16
CA TRP A 56 -14.69 -44.71 -4.48
C TRP A 56 -14.63 -44.48 -2.98
N ALA A 57 -15.50 -45.17 -2.24
CA ALA A 57 -15.46 -45.17 -0.80
C ALA A 57 -14.39 -46.13 -0.32
N ILE A 58 -13.45 -45.61 0.46
CA ILE A 58 -12.31 -46.38 0.95
C ILE A 58 -12.57 -46.56 2.43
N THR A 59 -12.74 -47.82 2.88
CA THR A 59 -13.22 -48.09 4.22
C THR A 59 -12.23 -48.83 5.10
N LYS A 60 -11.15 -49.38 4.54
CA LYS A 60 -10.16 -50.14 5.29
C LYS A 60 -8.92 -49.31 5.59
N LEU A 61 -8.40 -49.46 6.80
CA LEU A 61 -7.27 -48.66 7.23
C LEU A 61 -6.05 -48.85 6.34
N ASN A 62 -5.73 -50.10 5.97
CA ASN A 62 -4.54 -50.31 5.13
C ASN A 62 -4.70 -49.60 3.77
N ASP A 63 -5.91 -49.56 3.24
CA ASP A 63 -6.13 -48.83 1.98
C ASP A 63 -6.00 -47.33 2.19
N VAL A 64 -6.49 -46.81 3.32
CA VAL A 64 -6.31 -45.40 3.63
C VAL A 64 -4.83 -45.09 3.73
N LYS A 65 -4.04 -45.97 4.37
CA LYS A 65 -2.62 -45.69 4.49
C LYS A 65 -1.95 -45.74 3.13
N GLU A 66 -2.37 -46.67 2.27
CA GLU A 66 -1.72 -46.82 0.97
C GLU A 66 -1.97 -45.59 0.10
N ILE A 67 -3.21 -45.08 0.09
CA ILE A 67 -3.50 -43.85 -0.64
C ILE A 67 -2.66 -42.70 -0.06
N SER A 68 -2.62 -42.60 1.28
CA SER A 68 -1.93 -41.47 1.89
C SER A 68 -0.43 -41.49 1.60
N ARG A 69 0.16 -42.69 1.48
CA ARG A 69 1.59 -42.80 1.20
CA ARG A 69 1.58 -42.82 1.19
C ARG A 69 1.89 -42.50 -0.26
N HIS A 70 1.00 -42.84 -1.17
CA HIS A 70 1.24 -42.64 -2.60
C HIS A 70 0.65 -41.32 -3.08
N SER A 71 1.20 -40.23 -2.56
CA SER A 71 0.77 -38.90 -2.94
CA SER A 71 0.74 -38.90 -2.95
C SER A 71 1.18 -38.56 -4.37
N ASP A 72 2.16 -39.27 -4.93
CA ASP A 72 2.54 -39.10 -6.31
C ASP A 72 1.41 -39.52 -7.26
N VAL A 73 0.56 -40.45 -6.85
CA VAL A 73 -0.60 -40.88 -7.63
C VAL A 73 -1.87 -40.20 -7.15
N PHE A 74 -2.06 -40.07 -5.85
CA PHE A 74 -3.32 -39.64 -5.28
C PHE A 74 -3.19 -38.18 -4.85
N SER A 75 -3.75 -37.29 -5.65
CA SER A 75 -3.48 -35.87 -5.57
C SER A 75 -4.45 -35.17 -4.63
N SER A 76 -3.91 -34.23 -3.86
CA SER A 76 -4.73 -33.33 -3.05
C SER A 76 -5.12 -32.09 -3.81
N TYR A 77 -4.23 -31.65 -4.70
CA TYR A 77 -4.42 -30.41 -5.42
C TYR A 77 -5.55 -30.48 -6.44
N GLU A 78 -5.73 -31.63 -7.10
CA GLU A 78 -6.58 -31.68 -8.28
CA GLU A 78 -6.59 -31.67 -8.29
C GLU A 78 -8.01 -31.28 -7.95
N ASN A 79 -8.55 -31.82 -6.87
CA ASN A 79 -9.91 -31.46 -6.43
C ASN A 79 -9.99 -31.04 -4.98
N GLY A 80 -8.85 -30.74 -4.33
CA GLY A 80 -8.83 -30.48 -2.90
C GLY A 80 -9.16 -31.77 -2.16
N VAL A 81 -9.09 -31.68 -0.82
CA VAL A 81 -9.33 -32.84 0.03
C VAL A 81 -10.69 -32.84 0.71
N ILE A 82 -11.38 -31.72 0.78
N ILE A 82 -11.38 -31.72 0.77
CA ILE A 82 -12.75 -31.73 1.33
CA ILE A 82 -12.72 -31.77 1.34
C ILE A 82 -13.67 -32.44 0.33
C ILE A 82 -13.67 -32.43 0.34
N PRO A 83 -14.42 -33.47 0.73
CA PRO A 83 -15.22 -34.23 -0.24
C PRO A 83 -16.64 -33.74 -0.37
N ARG A 84 -17.04 -32.67 0.34
CA ARG A 84 -18.43 -32.24 0.31
CA ARG A 84 -18.44 -32.25 0.34
C ARG A 84 -18.56 -30.78 0.69
N PHE A 85 -19.09 -29.97 -0.23
CA PHE A 85 -19.53 -28.60 -0.01
C PHE A 85 -21.02 -28.52 -0.31
N LYS A 86 -21.58 -27.31 -0.24
CA LYS A 86 -22.92 -27.11 -0.77
C LYS A 86 -22.95 -27.56 -2.23
N ASN A 87 -24.09 -28.12 -2.63
CA ASN A 87 -24.22 -28.69 -3.97
C ASN A 87 -23.96 -27.65 -5.06
N ASP A 88 -24.25 -26.38 -4.79
CA ASP A 88 -24.13 -25.31 -5.76
C ASP A 88 -22.84 -24.52 -5.68
N ILE A 89 -21.86 -24.98 -4.91
CA ILE A 89 -20.62 -24.23 -4.80
C ILE A 89 -19.98 -24.08 -6.17
N ALA A 90 -19.50 -22.87 -6.47
CA ALA A 90 -18.79 -22.63 -7.72
C ALA A 90 -17.45 -23.35 -7.74
N ARG A 91 -17.10 -23.88 -8.91
CA ARG A 91 -15.81 -24.55 -9.04
C ARG A 91 -14.68 -23.63 -8.60
N GLU A 92 -14.75 -22.34 -8.95
CA GLU A 92 -13.67 -21.44 -8.59
C GLU A 92 -13.45 -21.39 -7.08
N ASP A 93 -14.53 -21.55 -6.28
CA ASP A 93 -14.40 -21.50 -4.83
C ASP A 93 -13.80 -22.78 -4.25
N ILE A 94 -13.89 -23.90 -4.97
CA ILE A 94 -13.12 -25.08 -4.59
CA ILE A 94 -13.13 -25.08 -4.59
C ILE A 94 -11.65 -24.87 -4.87
N GLU A 95 -11.32 -24.31 -6.04
CA GLU A 95 -9.92 -24.19 -6.46
C GLU A 95 -9.17 -23.19 -5.60
N VAL A 96 -9.84 -22.19 -5.05
CA VAL A 96 -9.15 -21.21 -4.23
C VAL A 96 -8.56 -21.86 -3.00
N GLN A 97 -9.07 -23.02 -2.61
CA GLN A 97 -8.49 -23.80 -1.52
C GLN A 97 -7.10 -24.33 -1.82
N ARG A 98 -6.67 -24.34 -3.09
CA ARG A 98 -5.34 -24.79 -3.45
C ARG A 98 -4.25 -23.89 -2.90
N PHE A 99 -4.61 -22.72 -2.37
CA PHE A 99 -3.59 -21.84 -1.84
C PHE A 99 -3.19 -22.17 -0.41
N VAL A 100 -3.76 -23.21 0.21
CA VAL A 100 -3.24 -23.70 1.47
C VAL A 100 -2.52 -25.03 1.25
N MET A 101 -1.53 -25.29 2.09
CA MET A 101 -0.67 -26.45 1.88
CA MET A 101 -0.67 -26.46 1.95
C MET A 101 -1.45 -27.76 1.87
N LEU A 102 -2.54 -27.85 2.61
CA LEU A 102 -3.31 -29.09 2.63
C LEU A 102 -3.75 -29.49 1.24
N ASN A 103 -4.02 -28.54 0.37
CA ASN A 103 -4.54 -28.83 -0.96
C ASN A 103 -3.50 -28.64 -2.04
N MET A 104 -2.22 -28.82 -1.71
CA MET A 104 -1.17 -28.77 -2.71
C MET A 104 -0.47 -30.11 -2.83
N ASP A 105 0.12 -30.32 -4.00
CA ASP A 105 0.95 -31.47 -4.28
C ASP A 105 2.40 -31.03 -4.30
N ALA A 106 3.31 -32.02 -4.24
CA ALA A 106 4.72 -31.75 -4.51
C ALA A 106 4.88 -31.23 -5.93
N PRO A 107 5.85 -30.33 -6.18
CA PRO A 107 6.84 -29.83 -5.22
C PRO A 107 6.43 -28.62 -4.41
N HIS A 108 5.34 -27.94 -4.79
CA HIS A 108 4.90 -26.77 -4.03
C HIS A 108 4.64 -27.12 -2.57
N HIS A 109 3.97 -28.25 -2.32
CA HIS A 109 3.71 -28.67 -0.95
C HIS A 109 5.00 -28.90 -0.18
N THR A 110 5.98 -29.51 -0.85
CA THR A 110 7.22 -29.89 -0.17
C THR A 110 7.93 -28.67 0.39
N ARG A 111 8.04 -27.62 -0.42
CA ARG A 111 8.67 -26.40 0.04
C ARG A 111 7.93 -25.78 1.23
N LEU A 112 6.60 -25.67 1.13
CA LEU A 112 5.85 -25.04 2.22
C LEU A 112 5.93 -25.86 3.49
N ARG A 113 5.78 -27.17 3.38
CA ARG A 113 5.84 -28.01 4.58
C ARG A 113 7.20 -27.87 5.28
N LYS A 114 8.28 -27.83 4.50
CA LYS A 114 9.61 -27.64 5.08
C LYS A 114 9.71 -26.32 5.83
N ILE A 115 9.21 -25.25 5.22
CA ILE A 115 9.23 -23.95 5.89
C ILE A 115 8.39 -24.00 7.16
N ILE A 116 7.16 -24.49 7.05
CA ILE A 116 6.24 -24.46 8.18
C ILE A 116 6.71 -25.33 9.33
N SER A 117 7.45 -26.40 9.04
N SER A 117 7.58 -26.31 9.06
CA SER A 117 7.95 -27.24 10.12
CA SER A 117 8.10 -27.21 10.07
C SER A 117 8.66 -26.42 11.18
C SER A 117 9.40 -26.71 10.72
N ARG A 118 9.14 -25.22 10.82
N ARG A 118 10.06 -25.70 10.17
CA ARG A 118 9.76 -24.35 11.82
CA ARG A 118 11.12 -25.03 10.91
C ARG A 118 8.77 -23.99 12.92
C ARG A 118 10.59 -24.32 12.14
N GLY A 119 7.48 -23.95 12.61
N GLY A 119 9.30 -23.97 12.14
CA GLY A 119 6.49 -23.50 13.55
CA GLY A 119 8.68 -23.32 13.28
C GLY A 119 5.82 -24.60 14.34
C GLY A 119 7.74 -24.24 14.06
N PHE A 120 6.14 -25.85 14.07
N PHE A 120 7.18 -25.23 13.36
CA PHE A 120 5.55 -26.96 14.78
CA PHE A 120 6.32 -26.27 13.96
C PHE A 120 6.64 -27.85 15.32
C PHE A 120 7.20 -27.44 14.40
N THR A 121 7.81 -27.28 15.58
CA THR A 121 8.84 -28.12 16.15
C THR A 121 8.33 -28.59 17.51
N PRO A 122 8.81 -29.74 17.99
CA PRO A 122 8.47 -30.14 19.36
C PRO A 122 8.69 -29.02 20.36
N ARG A 123 9.80 -28.29 20.25
CA ARG A 123 10.10 -27.24 21.21
C ARG A 123 9.07 -26.12 21.13
N ALA A 124 8.72 -25.71 19.91
CA ALA A 124 7.75 -24.63 19.74
C ALA A 124 6.41 -25.01 20.39
N VAL A 125 5.96 -26.23 20.15
CA VAL A 125 4.69 -26.65 20.72
C VAL A 125 4.82 -26.83 22.22
N GLY A 126 5.94 -27.40 22.67
CA GLY A 126 6.11 -27.63 24.10
C GLY A 126 6.15 -26.36 24.91
N ARG A 127 6.62 -25.27 24.29
CA ARG A 127 6.67 -23.99 24.97
C ARG A 127 5.28 -23.48 25.32
N LEU A 128 4.23 -24.01 24.70
CA LEU A 128 2.85 -23.64 25.00
C LEU A 128 2.27 -24.42 26.16
N HIS A 129 2.97 -25.44 26.65
CA HIS A 129 2.39 -26.37 27.61
C HIS A 129 1.85 -25.63 28.83
N ASP A 130 2.66 -24.77 29.44
CA ASP A 130 2.29 -24.22 30.74
C ASP A 130 1.12 -23.26 30.62
N GLU A 131 1.13 -22.36 29.64
CA GLU A 131 0.01 -21.44 29.47
C GLU A 131 -1.27 -22.20 29.13
N LEU A 132 -1.18 -23.21 28.26
CA LEU A 132 -2.39 -23.98 27.94
C LEU A 132 -2.88 -24.75 29.15
N GLN A 133 -1.98 -25.22 30.02
CA GLN A 133 -2.44 -25.94 31.21
C GLN A 133 -3.17 -25.00 32.17
N GLU A 134 -2.59 -23.82 32.38
CA GLU A 134 -3.26 -22.81 33.21
C GLU A 134 -4.61 -22.42 32.62
N ARG A 135 -4.68 -22.25 31.30
CA ARG A 135 -5.95 -21.88 30.67
C ARG A 135 -6.95 -23.01 30.80
N ALA A 136 -6.49 -24.25 30.66
CA ALA A 136 -7.40 -25.39 30.81
C ALA A 136 -8.00 -25.45 32.20
N GLN A 137 -7.19 -25.24 33.23
CA GLN A 137 -7.71 -25.30 34.60
C GLN A 137 -8.72 -24.19 34.83
N LYS A 138 -8.45 -23.00 34.31
CA LYS A 138 -9.39 -21.89 34.43
C LYS A 138 -10.70 -22.20 33.71
N ILE A 139 -10.60 -22.73 32.49
CA ILE A 139 -11.80 -23.08 31.73
C ILE A 139 -12.69 -24.02 32.51
N ALA A 140 -12.11 -25.11 33.03
CA ALA A 140 -12.91 -26.09 33.76
C ALA A 140 -13.45 -25.52 35.06
N ALA A 141 -12.65 -24.70 35.76
CA ALA A 141 -13.13 -24.09 37.00
C ALA A 141 -14.30 -23.16 36.74
N GLU A 142 -14.21 -22.33 35.69
CA GLU A 142 -15.32 -21.45 35.37
C GLU A 142 -16.56 -22.25 34.99
N ALA A 143 -16.38 -23.33 34.22
CA ALA A 143 -17.54 -24.14 33.84
C ALA A 143 -18.22 -24.74 35.05
N ALA A 144 -17.43 -25.34 35.95
CA ALA A 144 -18.03 -25.98 37.12
C ALA A 144 -18.72 -24.96 38.02
N ALA A 145 -18.22 -23.72 38.03
CA ALA A 145 -18.88 -22.67 38.79
C ALA A 145 -20.23 -22.28 38.21
N ALA A 146 -20.44 -22.46 36.90
CA ALA A 146 -21.74 -22.19 36.30
C ALA A 146 -22.77 -23.26 36.66
N GLY A 147 -22.32 -24.41 37.15
CA GLY A 147 -23.24 -25.42 37.63
C GLY A 147 -23.67 -26.37 36.52
N SER A 148 -24.28 -25.83 35.48
CA SER A 148 -24.66 -26.61 34.31
C SER A 148 -24.58 -25.70 33.10
N GLY A 149 -24.57 -26.30 31.92
CA GLY A 149 -24.54 -25.54 30.70
C GLY A 149 -24.11 -26.41 29.53
N ASP A 150 -23.70 -25.73 28.47
CA ASP A 150 -23.36 -26.36 27.20
C ASP A 150 -21.88 -26.74 27.24
N PHE A 151 -21.60 -28.05 27.38
CA PHE A 151 -20.22 -28.53 27.45
C PHE A 151 -19.43 -28.07 26.25
N VAL A 152 -20.07 -28.04 25.07
CA VAL A 152 -19.37 -27.69 23.84
C VAL A 152 -18.77 -26.29 23.97
N GLU A 153 -19.58 -25.36 24.47
CA GLU A 153 -19.18 -23.96 24.50
C GLU A 153 -18.33 -23.63 25.71
N GLN A 154 -18.63 -24.23 26.86
CA GLN A 154 -17.98 -23.86 28.12
C GLN A 154 -16.74 -24.67 28.43
N VAL A 155 -16.54 -25.82 27.79
CA VAL A 155 -15.37 -26.65 28.04
C VAL A 155 -14.58 -26.91 26.74
N SER A 156 -15.26 -27.28 25.66
CA SER A 156 -14.53 -27.77 24.49
C SER A 156 -13.97 -26.66 23.61
N CYS A 157 -14.64 -25.50 23.50
CA CYS A 157 -14.36 -24.54 22.44
CA CYS A 157 -14.29 -24.64 22.39
C CYS A 157 -13.07 -23.74 22.66
N GLU A 158 -12.81 -23.35 23.91
CA GLU A 158 -11.84 -22.28 24.08
C GLU A 158 -10.39 -22.76 23.94
N LEU A 159 -10.05 -23.92 24.45
CA LEU A 159 -8.64 -24.21 24.57
C LEU A 159 -8.02 -24.38 23.20
N PRO A 160 -8.69 -25.05 22.24
CA PRO A 160 -8.10 -25.14 20.90
C PRO A 160 -7.81 -23.79 20.28
N LEU A 161 -8.69 -22.81 20.51
CA LEU A 161 -8.46 -21.49 19.96
CA LEU A 161 -8.48 -21.47 19.99
C LEU A 161 -7.27 -20.81 20.65
N GLN A 162 -7.16 -20.96 21.96
CA GLN A 162 -6.03 -20.37 22.69
C GLN A 162 -4.71 -20.99 22.27
N ALA A 163 -4.70 -22.26 21.88
CA ALA A 163 -3.50 -22.89 21.36
C ALA A 163 -3.06 -22.24 20.05
N ILE A 164 -4.02 -22.01 19.14
CA ILE A 164 -3.73 -21.32 17.88
CA ILE A 164 -3.70 -21.34 17.88
C ILE A 164 -3.15 -19.94 18.16
N ALA A 165 -3.85 -19.19 19.00
CA ALA A 165 -3.42 -17.85 19.36
C ALA A 165 -2.03 -17.85 19.94
N GLY A 166 -1.76 -18.78 20.88
CA GLY A 166 -0.46 -18.83 21.50
C GLY A 166 0.64 -19.22 20.54
N LEU A 167 0.36 -20.18 19.65
CA LEU A 167 1.35 -20.59 18.67
C LEU A 167 1.72 -19.42 17.76
N LEU A 168 0.73 -18.63 17.36
CA LEU A 168 0.97 -17.51 16.46
C LEU A 168 1.37 -16.23 17.17
N GLY A 169 1.26 -16.16 18.49
CA GLY A 169 1.57 -14.94 19.20
C GLY A 169 0.54 -13.83 19.01
N VAL A 170 -0.72 -14.19 18.87
CA VAL A 170 -1.77 -13.18 18.67
C VAL A 170 -2.01 -12.45 19.99
N PRO A 171 -1.95 -11.11 20.01
CA PRO A 171 -2.23 -10.39 21.24
C PRO A 171 -3.60 -10.72 21.79
N GLN A 172 -3.73 -10.63 23.12
CA GLN A 172 -4.98 -10.99 23.77
C GLN A 172 -6.15 -10.16 23.25
N GLU A 173 -5.93 -8.87 23.01
CA GLU A 173 -7.03 -8.03 22.54
C GLU A 173 -7.51 -8.41 21.14
N ASP A 174 -6.72 -9.19 20.39
CA ASP A 174 -7.09 -9.61 19.05
C ASP A 174 -7.67 -11.02 19.02
N ARG A 175 -7.55 -11.78 20.11
CA ARG A 175 -8.00 -13.17 20.07
C ARG A 175 -9.51 -13.28 19.84
N GLY A 176 -10.30 -12.34 20.36
CA GLY A 176 -11.72 -12.38 20.10
C GLY A 176 -12.04 -12.38 18.61
N LYS A 177 -11.42 -11.48 17.86
CA LYS A 177 -11.74 -11.44 16.44
C LYS A 177 -11.10 -12.60 15.70
N LEU A 178 -9.92 -13.08 16.14
CA LEU A 178 -9.39 -14.31 15.55
C LEU A 178 -10.34 -15.47 15.78
N PHE A 179 -10.89 -15.58 16.98
CA PHE A 179 -11.82 -16.66 17.28
CA PHE A 179 -11.84 -16.65 17.30
C PHE A 179 -13.06 -16.55 16.40
N HIS A 180 -13.55 -15.34 16.19
CA HIS A 180 -14.71 -15.15 15.34
C HIS A 180 -14.40 -15.56 13.90
N TRP A 181 -13.28 -15.10 13.37
CA TRP A 181 -12.96 -15.49 12.00
C TRP A 181 -12.87 -17.00 11.87
N SER A 182 -12.21 -17.67 12.82
CA SER A 182 -12.10 -19.12 12.76
CA SER A 182 -12.10 -19.12 12.77
C SER A 182 -13.47 -19.79 12.76
N ASN A 183 -14.39 -19.31 13.60
CA ASN A 183 -15.70 -19.94 13.71
C ASN A 183 -16.59 -19.65 12.49
N GLU A 184 -16.25 -18.64 11.69
CA GLU A 184 -17.00 -18.30 10.48
C GLU A 184 -16.58 -19.11 9.27
N MET A 185 -15.70 -20.08 9.41
CA MET A 185 -15.16 -20.80 8.26
CA MET A 185 -15.24 -20.75 8.21
C MET A 185 -15.88 -22.13 7.98
N THR A 186 -16.45 -22.75 8.99
CA THR A 186 -16.93 -24.11 8.85
C THR A 186 -18.37 -24.23 9.30
N GLY A 187 -19.06 -25.20 8.70
CA GLY A 187 -20.40 -25.55 9.11
C GLY A 187 -21.49 -24.91 8.31
N ASN A 188 -21.18 -24.26 7.18
CA ASN A 188 -22.15 -23.39 6.51
C ASN A 188 -23.33 -24.17 5.92
N GLU A 189 -23.30 -25.50 5.96
CA GLU A 189 -24.43 -26.30 5.51
C GLU A 189 -25.43 -26.62 6.62
N ASP A 190 -25.11 -26.25 7.86
CA ASP A 190 -26.01 -26.45 8.99
C ASP A 190 -26.91 -25.23 9.13
N PRO A 191 -28.23 -25.40 9.31
CA PRO A 191 -29.10 -24.23 9.40
C PRO A 191 -28.68 -23.21 10.45
N GLU A 192 -28.01 -23.67 11.51
CA GLU A 192 -27.62 -22.75 12.57
C GLU A 192 -26.54 -21.78 12.10
N TYR A 193 -25.73 -22.19 11.12
CA TYR A 193 -24.63 -21.38 10.62
C TYR A 193 -24.85 -20.93 9.19
N ALA A 194 -26.10 -20.92 8.73
CA ALA A 194 -26.40 -20.65 7.33
C ALA A 194 -25.97 -19.27 6.93
N HIS A 195 -25.86 -18.33 7.87
CA HIS A 195 -25.47 -16.97 7.53
C HIS A 195 -23.97 -16.71 7.60
N ILE A 196 -23.16 -17.69 7.98
CA ILE A 196 -21.73 -17.43 8.00
CA ILE A 196 -21.71 -17.52 7.99
C ILE A 196 -21.23 -17.26 6.55
N ASP A 197 -20.11 -16.56 6.44
CA ASP A 197 -19.52 -16.17 5.15
C ASP A 197 -18.05 -16.53 5.21
N PRO A 198 -17.69 -17.78 4.87
CA PRO A 198 -16.29 -18.20 5.01
C PRO A 198 -15.34 -17.43 4.10
N LYS A 199 -15.79 -17.11 2.89
CA LYS A 199 -14.93 -16.38 1.97
C LYS A 199 -14.58 -15.01 2.52
N ALA A 200 -15.56 -14.31 3.09
CA ALA A 200 -15.31 -13.00 3.66
C ALA A 200 -14.39 -13.11 4.87
N SER A 201 -14.65 -14.08 5.75
CA SER A 201 -13.78 -14.25 6.92
CA SER A 201 -13.79 -14.25 6.92
C SER A 201 -12.36 -14.59 6.52
N SER A 202 -12.19 -15.45 5.52
CA SER A 202 -10.85 -15.77 5.06
C SER A 202 -10.11 -14.52 4.59
N ALA A 203 -10.80 -13.64 3.89
CA ALA A 203 -10.16 -12.41 3.40
C ALA A 203 -9.77 -11.50 4.55
N GLU A 204 -10.63 -11.38 5.56
CA GLU A 204 -10.28 -10.57 6.72
C GLU A 204 -9.09 -11.16 7.46
N LEU A 205 -9.04 -12.48 7.56
CA LEU A 205 -7.94 -13.12 8.28
C LEU A 205 -6.63 -12.99 7.51
N ILE A 206 -6.67 -13.13 6.19
CA ILE A 206 -5.47 -12.91 5.38
C ILE A 206 -4.99 -11.48 5.57
N GLY A 207 -5.90 -10.51 5.55
CA GLY A 207 -5.52 -9.14 5.80
C GLY A 207 -4.91 -8.95 7.17
N TYR A 208 -5.54 -9.51 8.19
CA TYR A 208 -4.97 -9.45 9.53
C TYR A 208 -3.60 -10.10 9.57
N ALA A 209 -3.48 -11.29 8.96
CA ALA A 209 -2.23 -12.04 9.04
C ALA A 209 -1.09 -11.35 8.32
N MET A 210 -1.36 -10.77 7.15
CA MET A 210 -0.29 -10.07 6.44
C MET A 210 0.16 -8.85 7.22
N LYS A 211 -0.76 -8.19 7.90
N LYS A 211 -0.76 -8.17 7.89
CA LYS A 211 -0.38 -7.07 8.77
CA LYS A 211 -0.34 -7.07 8.76
C LYS A 211 0.51 -7.55 9.90
C LYS A 211 0.56 -7.58 9.87
N MET A 212 0.21 -8.74 10.45
CA MET A 212 1.03 -9.29 11.52
C MET A 212 2.42 -9.66 11.00
N ALA A 213 2.49 -10.27 9.83
CA ALA A 213 3.78 -10.62 9.24
C ALA A 213 4.67 -9.39 9.07
N GLU A 214 4.10 -8.31 8.56
CA GLU A 214 4.85 -7.06 8.45
C GLU A 214 5.37 -6.63 9.81
N GLU A 215 4.48 -6.60 10.81
CA GLU A 215 4.88 -6.14 12.15
CA GLU A 215 4.87 -6.13 12.14
C GLU A 215 5.95 -7.04 12.74
N LYS A 216 5.79 -8.36 12.61
CA LYS A 216 6.72 -9.27 13.25
C LYS A 216 8.07 -9.35 12.54
N ALA A 217 8.12 -8.93 11.27
CA ALA A 217 9.41 -8.80 10.61
C ALA A 217 10.23 -7.68 11.25
N LYS A 218 9.58 -6.59 11.62
CA LYS A 218 10.28 -5.48 12.26
C LYS A 218 10.78 -5.88 13.64
N ASN A 219 9.91 -6.47 14.46
CA ASN A 219 10.19 -6.76 15.86
C ASN A 219 9.94 -8.24 16.13
N PRO A 220 10.94 -9.09 15.87
CA PRO A 220 10.75 -10.53 16.11
C PRO A 220 10.33 -10.82 17.54
N ALA A 221 9.29 -11.64 17.67
CA ALA A 221 8.86 -12.21 18.93
C ALA A 221 8.98 -13.73 18.82
N ASP A 222 9.27 -14.40 19.94
CA ASP A 222 9.51 -15.84 19.92
C ASP A 222 8.16 -16.56 19.90
N ASP A 223 7.47 -16.41 18.77
CA ASP A 223 6.45 -17.35 18.35
C ASP A 223 7.02 -18.10 17.15
N ILE A 224 6.14 -18.69 16.34
CA ILE A 224 6.61 -19.35 15.14
C ILE A 224 6.73 -18.36 13.98
N VAL A 225 6.10 -17.19 14.07
CA VAL A 225 5.99 -16.30 12.91
C VAL A 225 7.37 -15.87 12.43
N THR A 226 8.25 -15.52 13.37
CA THR A 226 9.59 -15.10 12.98
C THR A 226 10.32 -16.21 12.24
N GLN A 227 10.22 -17.44 12.72
CA GLN A 227 10.85 -18.56 12.02
C GLN A 227 10.28 -18.72 10.62
N LEU A 228 9.00 -18.39 10.43
CA LEU A 228 8.35 -18.64 9.15
C LEU A 228 8.68 -17.60 8.10
N ILE A 229 8.85 -16.33 8.50
CA ILE A 229 9.08 -15.27 7.54
C ILE A 229 10.53 -14.82 7.48
N GLN A 230 11.42 -15.41 8.28
CA GLN A 230 12.84 -15.13 8.20
C GLN A 230 13.46 -16.05 7.15
N ALA A 231 14.15 -15.46 6.17
CA ALA A 231 14.76 -16.24 5.11
C ALA A 231 15.89 -17.09 5.68
N ASP A 232 15.97 -18.35 5.22
CA ASP A 232 17.09 -19.22 5.57
C ASP A 232 18.27 -18.92 4.65
N ILE A 233 19.26 -19.82 4.62
CA ILE A 233 20.44 -19.58 3.79
C ILE A 233 20.07 -19.57 2.31
N ASP A 234 19.10 -20.39 1.90
CA ASP A 234 18.65 -20.44 0.52
C ASP A 234 17.54 -19.44 0.23
N GLY A 235 17.32 -18.47 1.12
CA GLY A 235 16.29 -17.47 0.90
C GLY A 235 14.87 -17.99 0.98
N GLU A 236 14.67 -19.17 1.56
CA GLU A 236 13.33 -19.73 1.68
C GLU A 236 12.61 -19.17 2.91
N LYS A 237 11.35 -18.83 2.73
CA LYS A 237 10.53 -18.23 3.78
C LYS A 237 9.13 -18.12 3.22
N LEU A 238 8.16 -17.96 4.12
CA LEU A 238 6.81 -17.61 3.69
C LEU A 238 6.74 -16.14 3.29
N SER A 239 6.25 -15.87 2.09
CA SER A 239 5.88 -14.51 1.74
C SER A 239 4.77 -14.05 2.68
N ASP A 240 4.47 -12.76 2.66
CA ASP A 240 3.42 -12.25 3.54
C ASP A 240 2.08 -12.89 3.23
N ASP A 241 1.73 -13.05 1.94
CA ASP A 241 0.46 -13.70 1.61
C ASP A 241 0.51 -15.19 1.89
N GLU A 242 1.66 -15.84 1.70
CA GLU A 242 1.79 -17.23 2.09
C GLU A 242 1.56 -17.40 3.60
N PHE A 243 2.10 -16.48 4.41
CA PHE A 243 1.80 -16.52 5.84
C PHE A 243 0.31 -16.32 6.08
N GLY A 244 -0.30 -15.44 5.29
CA GLY A 244 -1.73 -15.26 5.39
C GLY A 244 -2.48 -16.55 5.16
N PHE A 245 -2.13 -17.27 4.09
CA PHE A 245 -2.82 -18.52 3.81
C PHE A 245 -2.53 -19.58 4.85
N PHE A 246 -1.35 -19.54 5.45
CA PHE A 246 -1.05 -20.43 6.57
C PHE A 246 -1.96 -20.16 7.75
N VAL A 247 -2.16 -18.89 8.10
CA VAL A 247 -3.01 -18.58 9.24
C VAL A 247 -4.45 -19.04 8.96
N VAL A 248 -4.95 -18.79 7.74
CA VAL A 248 -6.26 -19.33 7.40
C VAL A 248 -6.31 -20.82 7.66
N MET A 249 -5.30 -21.53 7.17
CA MET A 249 -5.22 -22.97 7.37
CA MET A 249 -5.27 -22.97 7.36
C MET A 249 -5.26 -23.33 8.84
N LEU A 250 -4.43 -22.66 9.63
CA LEU A 250 -4.35 -22.98 11.04
C LEU A 250 -5.63 -22.60 11.77
N ALA A 251 -6.19 -21.43 11.45
CA ALA A 251 -7.37 -21.00 12.19
C ALA A 251 -8.52 -21.99 12.00
N VAL A 252 -8.57 -22.63 10.84
CA VAL A 252 -9.61 -23.62 10.62
C VAL A 252 -9.19 -24.96 11.21
N ALA A 253 -7.98 -25.41 10.86
CA ALA A 253 -7.58 -26.76 11.23
C ALA A 253 -7.49 -26.92 12.73
N GLY A 254 -7.09 -25.86 13.43
CA GLY A 254 -6.82 -25.92 14.86
C GLY A 254 -8.00 -25.73 15.76
N ASN A 255 -9.20 -25.58 15.21
CA ASN A 255 -10.34 -25.15 15.99
C ASN A 255 -11.34 -26.31 16.16
N GLU A 256 -12.21 -26.54 15.19
CA GLU A 256 -13.34 -27.42 15.44
C GLU A 256 -12.94 -28.89 15.57
N THR A 257 -11.89 -29.36 14.89
CA THR A 257 -11.54 -30.78 15.04
C THR A 257 -11.14 -31.10 16.48
N THR A 258 -10.31 -30.27 17.09
CA THR A 258 -9.94 -30.54 18.48
C THR A 258 -11.12 -30.33 19.39
N ARG A 259 -11.91 -29.29 19.15
CA ARG A 259 -13.13 -29.08 19.91
C ARG A 259 -14.01 -30.32 19.89
N ASN A 260 -14.25 -30.88 18.71
CA ASN A 260 -15.12 -32.04 18.60
C ASN A 260 -14.50 -33.30 19.17
N SER A 261 -13.17 -33.38 19.19
CA SER A 261 -12.50 -34.47 19.92
CA SER A 261 -12.54 -34.49 19.91
C SER A 261 -12.84 -34.42 21.40
N ILE A 262 -12.80 -33.22 21.98
CA ILE A 262 -13.08 -33.06 23.41
C ILE A 262 -14.52 -33.39 23.72
N THR A 263 -15.46 -32.82 22.96
CA THR A 263 -16.87 -33.10 23.23
C THR A 263 -17.14 -34.59 23.11
N GLN A 264 -16.64 -35.22 22.03
CA GLN A 264 -16.97 -36.64 21.83
C GLN A 264 -16.17 -37.55 22.77
N GLY A 265 -14.99 -37.11 23.17
CA GLY A 265 -14.30 -37.82 24.25
C GLY A 265 -15.11 -37.83 25.53
N MET A 266 -15.71 -36.69 25.88
CA MET A 266 -16.48 -36.68 27.13
C MET A 266 -17.77 -37.45 26.98
N MET A 267 -18.37 -37.43 25.78
CA MET A 267 -19.51 -38.30 25.51
C MET A 267 -19.13 -39.75 25.68
N ALA A 268 -17.93 -40.12 25.22
CA ALA A 268 -17.49 -41.50 25.38
C ALA A 268 -17.33 -41.85 26.86
N PHE A 269 -16.74 -40.95 27.64
CA PHE A 269 -16.60 -41.20 29.06
C PHE A 269 -17.95 -41.31 29.75
N ALA A 270 -18.94 -40.50 29.33
CA ALA A 270 -20.27 -40.62 29.92
C ALA A 270 -20.93 -41.94 29.58
N GLU A 271 -20.60 -42.53 28.45
CA GLU A 271 -21.15 -43.82 28.06
CA GLU A 271 -21.15 -43.82 28.07
C GLU A 271 -20.38 -45.00 28.63
N HIS A 272 -19.18 -44.77 29.17
CA HIS A 272 -18.29 -45.83 29.64
C HIS A 272 -17.73 -45.42 30.99
N PRO A 273 -18.53 -45.52 32.04
CA PRO A 273 -18.09 -44.99 33.34
C PRO A 273 -16.82 -45.64 33.87
N ASP A 274 -16.58 -46.92 33.56
CA ASP A 274 -15.36 -47.56 34.04
C ASP A 274 -14.13 -46.90 33.45
N GLN A 275 -14.20 -46.50 32.17
CA GLN A 275 -13.07 -45.78 31.59
C GLN A 275 -12.90 -44.41 32.22
N TRP A 276 -14.01 -43.74 32.58
CA TRP A 276 -13.92 -42.43 33.24
C TRP A 276 -13.29 -42.57 34.63
N GLU A 277 -13.73 -43.56 35.40
CA GLU A 277 -13.08 -43.79 36.70
C GLU A 277 -11.59 -44.08 36.52
N LEU A 278 -11.25 -44.92 35.55
CA LEU A 278 -9.84 -45.19 35.32
C LEU A 278 -9.12 -43.91 34.91
N TYR A 279 -9.73 -43.12 34.02
CA TYR A 279 -9.07 -41.88 33.61
C TYR A 279 -8.79 -41.00 34.82
N LYS A 280 -9.81 -40.76 35.64
CA LYS A 280 -9.65 -39.86 36.76
C LYS A 280 -8.53 -40.33 37.69
N LYS A 281 -8.36 -41.65 37.81
CA LYS A 281 -7.38 -42.19 38.74
C LYS A 281 -5.96 -42.12 38.18
N VAL A 282 -5.77 -42.53 36.93
CA VAL A 282 -4.45 -42.64 36.32
C VAL A 282 -4.08 -41.49 35.38
N ARG A 283 -5.09 -40.85 34.79
CA ARG A 283 -4.84 -39.77 33.84
C ARG A 283 -3.92 -40.22 32.70
N PRO A 284 -4.17 -41.37 32.06
CA PRO A 284 -3.25 -41.85 31.03
C PRO A 284 -3.33 -41.00 29.77
N GLU A 285 -2.17 -40.58 29.26
CA GLU A 285 -2.16 -39.75 28.06
C GLU A 285 -2.47 -40.55 26.80
N THR A 286 -2.41 -41.89 26.84
CA THR A 286 -2.96 -42.70 25.74
C THR A 286 -4.44 -42.40 25.50
N ALA A 287 -5.13 -41.84 26.51
CA ALA A 287 -6.54 -41.48 26.32
C ALA A 287 -6.74 -40.53 25.16
N ALA A 288 -5.79 -39.62 24.93
CA ALA A 288 -5.96 -38.64 23.86
C ALA A 288 -6.09 -39.34 22.51
N ASP A 289 -5.28 -40.36 22.26
CA ASP A 289 -5.37 -41.03 20.95
C ASP A 289 -6.63 -41.87 20.84
N GLU A 290 -7.06 -42.50 21.94
CA GLU A 290 -8.32 -43.24 21.89
C GLU A 290 -9.49 -42.29 21.73
N ILE A 291 -9.35 -41.07 22.26
CA ILE A 291 -10.40 -40.07 22.08
C ILE A 291 -10.46 -39.62 20.63
N VAL A 292 -9.29 -39.40 20.00
CA VAL A 292 -9.28 -39.02 18.58
C VAL A 292 -9.78 -40.17 17.69
N ARG A 293 -9.35 -41.41 17.96
CA ARG A 293 -9.88 -42.54 17.21
C ARG A 293 -11.39 -42.64 17.35
N TRP A 294 -11.90 -42.49 18.57
CA TRP A 294 -13.34 -42.61 18.77
C TRP A 294 -14.08 -41.43 18.17
N ALA A 295 -13.51 -40.23 18.28
CA ALA A 295 -14.17 -39.05 17.78
C ALA A 295 -14.03 -38.87 16.28
N THR A 296 -12.96 -39.44 15.67
CA THR A 296 -12.62 -39.21 14.26
C THR A 296 -13.23 -37.90 13.76
N PRO A 297 -12.66 -36.76 14.17
CA PRO A 297 -13.31 -35.47 13.89
C PRO A 297 -13.40 -35.17 12.42
N VAL A 298 -12.41 -35.56 11.62
CA VAL A 298 -12.54 -35.56 10.16
C VAL A 298 -13.04 -36.94 9.76
N THR A 299 -14.31 -37.01 9.37
CA THR A 299 -14.86 -38.28 8.90
C THR A 299 -14.11 -38.77 7.68
N ALA A 300 -13.78 -37.85 6.79
CA ALA A 300 -13.20 -38.24 5.52
C ALA A 300 -12.54 -37.05 4.82
N PHE A 301 -11.44 -37.39 4.11
CA PHE A 301 -10.77 -36.53 3.13
C PHE A 301 -10.60 -37.33 1.85
N GLN A 302 -10.56 -36.62 0.73
CA GLN A 302 -10.42 -37.27 -0.56
C GLN A 302 -9.06 -37.00 -1.20
N ARG A 303 -8.87 -37.76 -2.29
CA ARG A 303 -7.80 -37.57 -3.25
C ARG A 303 -8.34 -37.86 -4.64
N THR A 304 -7.56 -37.48 -5.64
CA THR A 304 -7.89 -37.70 -7.04
C THR A 304 -6.75 -38.44 -7.71
N ALA A 305 -7.07 -39.54 -8.39
CA ALA A 305 -6.02 -40.31 -9.06
C ALA A 305 -5.47 -39.53 -10.24
N LEU A 306 -4.15 -39.43 -10.31
CA LEU A 306 -3.46 -38.83 -11.44
C LEU A 306 -3.14 -39.84 -12.55
N ARG A 307 -3.37 -41.12 -12.28
CA ARG A 307 -3.15 -42.17 -13.24
C ARG A 307 -3.92 -43.38 -12.75
N ASP A 308 -4.19 -44.30 -13.65
CA ASP A 308 -4.78 -45.57 -13.27
C ASP A 308 -3.91 -46.22 -12.19
N TYR A 309 -4.57 -46.85 -11.24
CA TYR A 309 -3.92 -47.42 -10.07
C TYR A 309 -4.82 -48.53 -9.56
N GLU A 310 -4.24 -49.73 -9.39
CA GLU A 310 -4.95 -50.87 -8.81
C GLU A 310 -4.77 -50.90 -7.30
N LEU A 311 -5.87 -50.77 -6.56
CA LEU A 311 -5.84 -50.70 -5.11
C LEU A 311 -6.66 -51.84 -4.52
N SER A 312 -5.99 -52.71 -3.80
CA SER A 312 -6.61 -53.90 -3.22
C SER A 312 -7.58 -54.59 -4.20
N GLY A 313 -7.11 -54.81 -5.42
CA GLY A 313 -7.88 -55.54 -6.40
C GLY A 313 -8.87 -54.72 -7.19
N VAL A 314 -9.05 -53.44 -6.87
CA VAL A 314 -9.95 -52.56 -7.60
C VAL A 314 -9.16 -51.65 -8.52
N GLN A 315 -9.65 -51.52 -9.75
CA GLN A 315 -9.04 -50.60 -10.71
C GLN A 315 -9.56 -49.19 -10.48
N ILE A 316 -8.72 -48.33 -9.89
CA ILE A 316 -9.02 -46.90 -9.86
C ILE A 316 -8.59 -46.30 -11.19
N LYS A 317 -9.43 -45.45 -11.77
CA LYS A 317 -9.12 -44.82 -13.05
C LYS A 317 -8.65 -43.39 -12.86
N LYS A 318 -7.71 -42.98 -13.70
CA LYS A 318 -7.26 -41.61 -13.79
C LYS A 318 -8.45 -40.66 -13.73
N GLY A 319 -8.35 -39.68 -12.85
CA GLY A 319 -9.36 -38.68 -12.68
C GLY A 319 -10.45 -39.00 -11.65
N GLN A 320 -10.54 -40.23 -11.19
CA GLN A 320 -11.57 -40.59 -10.22
C GLN A 320 -11.14 -40.13 -8.84
N ARG A 321 -12.14 -39.78 -8.04
CA ARG A 321 -11.92 -39.44 -6.64
C ARG A 321 -12.00 -40.69 -5.80
N VAL A 322 -11.12 -40.76 -4.79
CA VAL A 322 -11.23 -41.72 -3.71
C VAL A 322 -11.43 -40.96 -2.42
N VAL A 323 -12.39 -41.39 -1.59
CA VAL A 323 -12.69 -40.75 -0.31
C VAL A 323 -12.26 -41.69 0.81
N MET A 324 -11.26 -41.27 1.57
CA MET A 324 -10.77 -42.03 2.72
C MET A 324 -11.68 -41.79 3.91
N PHE A 325 -12.47 -42.80 4.27
CA PHE A 325 -13.36 -42.67 5.41
C PHE A 325 -12.61 -43.08 6.68
N TYR A 326 -11.98 -42.09 7.29
CA TYR A 326 -11.26 -42.34 8.52
C TYR A 326 -12.17 -42.91 9.60
N ARG A 327 -13.44 -42.52 9.58
CA ARG A 327 -14.42 -43.04 10.53
C ARG A 327 -14.59 -44.55 10.37
N SER A 328 -14.43 -45.06 9.15
CA SER A 328 -14.48 -46.51 8.99
C SER A 328 -13.14 -47.16 9.32
N ALA A 329 -12.05 -46.57 8.83
CA ALA A 329 -10.73 -47.14 9.05
C ALA A 329 -10.37 -47.21 10.51
N ASN A 330 -10.85 -46.27 11.32
CA ASN A 330 -10.55 -46.25 12.75
C ASN A 330 -11.33 -47.27 13.54
N PHE A 331 -12.22 -48.01 12.90
CA PHE A 331 -12.90 -49.15 13.53
C PHE A 331 -12.67 -50.45 12.76
N ASP A 332 -11.55 -50.52 12.03
CA ASP A 332 -11.24 -51.64 11.14
C ASP A 332 -10.86 -52.84 12.00
N GLU A 333 -11.71 -53.88 11.97
CA GLU A 333 -11.50 -55.08 12.77
C GLU A 333 -10.19 -55.80 12.48
N GLU A 334 -9.60 -55.59 11.32
CA GLU A 334 -8.35 -56.25 11.02
C GLU A 334 -7.15 -55.55 11.65
N VAL A 335 -7.32 -54.35 12.16
CA VAL A 335 -6.22 -53.59 12.73
C VAL A 335 -6.37 -53.42 14.22
N PHE A 336 -7.59 -53.20 14.70
CA PHE A 336 -7.85 -52.95 16.10
C PHE A 336 -8.48 -54.17 16.75
N GLN A 337 -8.00 -54.51 17.92
CA GLN A 337 -8.66 -55.50 18.75
C GLN A 337 -9.87 -54.87 19.40
N ASP A 338 -11.05 -55.35 19.07
CA ASP A 338 -12.26 -54.84 19.66
C ASP A 338 -12.38 -53.35 19.36
N PRO A 339 -12.50 -52.95 18.09
CA PRO A 339 -12.57 -51.51 17.78
C PRO A 339 -13.71 -50.78 18.41
N PHE A 340 -14.79 -51.49 18.74
CA PHE A 340 -15.95 -50.83 19.32
C PHE A 340 -15.92 -50.84 20.84
N THR A 341 -14.78 -51.17 21.44
CA THR A 341 -14.52 -50.96 22.85
C THR A 341 -13.74 -49.65 22.98
N PHE A 342 -14.26 -48.74 23.79
CA PHE A 342 -13.56 -47.51 24.15
C PHE A 342 -12.54 -47.83 25.24
N ASN A 343 -11.24 -47.81 24.90
CA ASN A 343 -10.17 -48.29 25.78
C ASN A 343 -9.07 -47.24 25.85
N ILE A 344 -9.06 -46.44 26.91
CA ILE A 344 -8.13 -45.33 26.99
C ILE A 344 -6.69 -45.77 27.19
N LEU A 345 -6.44 -47.04 27.41
CA LEU A 345 -5.08 -47.55 27.48
C LEU A 345 -4.62 -48.20 26.18
N ARG A 346 -5.45 -48.20 25.12
CA ARG A 346 -5.10 -48.84 23.86
C ARG A 346 -3.71 -48.40 23.41
N ASN A 347 -2.84 -49.38 23.10
CA ASN A 347 -1.44 -49.08 22.87
C ASN A 347 -0.73 -50.30 22.29
N PRO A 348 -0.18 -50.22 21.07
CA PRO A 348 -0.21 -49.06 20.18
C PRO A 348 -1.62 -48.74 19.67
N ASN A 349 -1.83 -47.52 19.18
CA ASN A 349 -3.13 -47.07 18.71
C ASN A 349 -2.92 -46.44 17.34
N PRO A 350 -2.81 -47.25 16.29
CA PRO A 350 -2.43 -46.77 14.96
C PRO A 350 -3.63 -46.19 14.19
N HIS A 351 -4.39 -45.31 14.84
CA HIS A 351 -5.53 -44.72 14.16
C HIS A 351 -5.06 -43.71 13.11
N VAL A 352 -5.98 -43.42 12.17
CA VAL A 352 -5.77 -42.48 11.08
C VAL A 352 -6.65 -41.26 11.32
N GLY A 353 -6.95 -40.94 12.57
CA GLY A 353 -7.71 -39.71 12.83
C GLY A 353 -6.93 -38.45 12.43
N PHE A 354 -5.59 -38.52 12.44
CA PHE A 354 -4.74 -37.45 11.96
C PHE A 354 -4.28 -37.70 10.53
N GLY A 355 -4.97 -38.61 9.84
CA GLY A 355 -4.61 -39.00 8.51
C GLY A 355 -3.71 -40.21 8.51
N GLY A 356 -3.48 -40.70 7.30
CA GLY A 356 -2.47 -41.70 7.10
C GLY A 356 -1.09 -41.09 7.06
N THR A 357 -0.12 -41.89 7.49
CA THR A 357 1.28 -41.51 7.34
C THR A 357 1.55 -41.11 5.90
N GLY A 358 2.29 -40.04 5.71
CA GLY A 358 2.63 -39.58 4.38
C GLY A 358 2.83 -38.08 4.38
N ALA A 359 2.86 -37.52 3.17
CA ALA A 359 3.33 -36.14 3.00
C ALA A 359 2.45 -35.15 3.75
N HIS A 360 1.16 -35.44 3.88
CA HIS A 360 0.21 -34.49 4.46
C HIS A 360 -0.22 -34.85 5.89
N TYR A 361 0.52 -35.73 6.55
CA TYR A 361 0.18 -36.09 7.91
C TYR A 361 0.02 -34.86 8.80
N CYS A 362 -1.01 -34.85 9.65
CA CYS A 362 -1.33 -33.64 10.42
C CYS A 362 -0.12 -33.11 11.22
N ILE A 363 0.27 -31.88 10.90
CA ILE A 363 1.38 -31.24 11.58
CA ILE A 363 1.39 -31.25 11.58
C ILE A 363 1.00 -30.81 12.99
N GLY A 364 -0.28 -30.71 13.27
CA GLY A 364 -0.80 -30.34 14.57
C GLY A 364 -1.11 -31.49 15.50
N ALA A 365 -0.70 -32.72 15.17
CA ALA A 365 -1.20 -33.87 15.94
C ALA A 365 -0.80 -33.79 17.40
N ASN A 366 0.45 -33.43 17.68
CA ASN A 366 0.90 -33.42 19.05
C ASN A 366 0.39 -32.20 19.78
N LEU A 367 0.18 -31.08 19.09
CA LEU A 367 -0.51 -29.97 19.72
C LEU A 367 -1.93 -30.37 20.10
N ALA A 368 -2.63 -31.09 19.22
CA ALA A 368 -3.99 -31.54 19.50
C ALA A 368 -4.02 -32.50 20.68
N ARG A 369 -3.09 -33.47 20.69
CA ARG A 369 -3.03 -34.41 21.79
C ARG A 369 -2.77 -33.70 23.12
N MET A 370 -1.89 -32.70 23.13
CA MET A 370 -1.62 -32.00 24.37
CA MET A 370 -1.61 -31.97 24.36
C MET A 370 -2.83 -31.19 24.82
N THR A 371 -3.52 -30.54 23.87
CA THR A 371 -4.73 -29.81 24.23
C THR A 371 -5.75 -30.73 24.87
N ILE A 372 -5.90 -31.93 24.31
CA ILE A 372 -6.88 -32.88 24.79
C ILE A 372 -6.50 -33.39 26.17
N ASN A 373 -5.22 -33.76 26.37
CA ASN A 373 -4.79 -34.24 27.68
C ASN A 373 -4.92 -33.15 28.74
N LEU A 374 -4.60 -31.91 28.40
CA LEU A 374 -4.67 -30.86 29.40
C LEU A 374 -6.12 -30.57 29.79
N ILE A 375 -7.05 -30.58 28.83
CA ILE A 375 -8.42 -30.23 29.17
C ILE A 375 -9.09 -31.36 29.93
N PHE A 376 -8.77 -32.64 29.60
CA PHE A 376 -9.41 -33.71 30.34
C PHE A 376 -8.86 -33.82 31.77
N ASN A 377 -7.58 -33.53 31.97
CA ASN A 377 -7.09 -33.39 33.34
C ASN A 377 -7.87 -32.32 34.10
N ALA A 378 -8.10 -31.15 33.47
CA ALA A 378 -8.82 -30.07 34.14
C ALA A 378 -10.27 -30.46 34.41
N VAL A 379 -10.91 -31.16 33.46
CA VAL A 379 -12.26 -31.66 33.70
C VAL A 379 -12.27 -32.63 34.86
N ALA A 380 -11.29 -33.54 34.91
CA ALA A 380 -11.26 -34.49 36.02
C ALA A 380 -10.98 -33.78 37.35
N ASP A 381 -10.19 -32.70 37.31
CA ASP A 381 -9.87 -32.00 38.55
C ASP A 381 -11.06 -31.22 39.08
N HIS A 382 -11.85 -30.62 38.20
CA HIS A 382 -12.84 -29.64 38.66
C HIS A 382 -14.28 -30.09 38.53
N MET A 383 -14.59 -31.06 37.67
CA MET A 383 -15.95 -31.56 37.50
CA MET A 383 -15.94 -31.56 37.49
C MET A 383 -15.90 -33.08 37.32
N PRO A 384 -15.30 -33.79 38.28
CA PRO A 384 -15.20 -35.25 38.13
C PRO A 384 -16.53 -35.97 38.06
N ASP A 385 -17.63 -35.34 38.44
CA ASP A 385 -18.92 -36.02 38.53
C ASP A 385 -19.93 -35.52 37.50
N LEU A 386 -19.48 -34.86 36.43
CA LEU A 386 -20.41 -34.31 35.46
CA LEU A 386 -20.42 -34.31 35.47
C LEU A 386 -21.30 -35.42 34.88
N LYS A 387 -22.52 -35.04 34.51
CA LYS A 387 -23.53 -35.98 34.05
C LYS A 387 -24.24 -35.25 32.90
N PRO A 388 -24.41 -35.89 31.74
CA PRO A 388 -25.18 -35.25 30.67
C PRO A 388 -26.62 -35.00 31.11
N ILE A 389 -27.20 -33.95 30.55
CA ILE A 389 -28.60 -33.62 30.78
C ILE A 389 -29.47 -34.00 29.59
N SER A 390 -28.98 -33.83 28.37
CA SER A 390 -29.78 -34.16 27.19
C SER A 390 -28.86 -34.56 26.06
N ALA A 391 -29.46 -35.04 24.98
CA ALA A 391 -28.68 -35.57 23.87
C ALA A 391 -27.87 -34.46 23.20
N PRO A 392 -26.67 -34.78 22.69
CA PRO A 392 -25.93 -33.80 21.88
C PRO A 392 -26.67 -33.49 20.59
N GLU A 393 -26.44 -32.29 20.08
CA GLU A 393 -26.92 -31.87 18.78
C GLU A 393 -25.78 -32.00 17.78
N ARG A 394 -25.96 -32.78 16.74
CA ARG A 394 -24.91 -33.03 15.77
C ARG A 394 -24.91 -31.96 14.68
N LEU A 395 -23.76 -31.79 14.08
CA LEU A 395 -23.56 -30.83 13.01
C LEU A 395 -23.90 -31.45 11.65
N ARG A 396 -24.62 -30.68 10.85
CA ARG A 396 -24.90 -31.03 9.45
C ARG A 396 -23.68 -30.72 8.61
N SER A 397 -22.92 -31.76 8.28
CA SER A 397 -21.70 -31.66 7.49
C SER A 397 -21.51 -33.02 6.83
N GLY A 398 -20.93 -33.02 5.64
CA GLY A 398 -20.62 -34.26 4.97
C GLY A 398 -19.24 -34.80 5.18
N TRP A 399 -18.38 -34.09 5.92
CA TRP A 399 -17.02 -34.58 6.14
C TRP A 399 -16.50 -34.29 7.52
N LEU A 400 -17.11 -33.37 8.27
CA LEU A 400 -16.72 -33.11 9.65
CA LEU A 400 -16.74 -33.08 9.65
C LEU A 400 -17.74 -33.75 10.59
N ASN A 401 -17.24 -34.43 11.61
CA ASN A 401 -18.07 -35.05 12.62
C ASN A 401 -18.14 -34.06 13.77
N GLY A 402 -19.22 -33.32 13.87
CA GLY A 402 -19.30 -32.21 14.78
C GLY A 402 -20.43 -32.33 15.78
N ILE A 403 -20.21 -31.76 16.97
CA ILE A 403 -21.25 -31.60 17.98
CA ILE A 403 -21.28 -31.61 17.96
C ILE A 403 -21.42 -30.11 18.23
N LYS A 404 -22.60 -29.59 17.92
CA LYS A 404 -22.88 -28.18 18.12
C LYS A 404 -23.15 -27.83 19.59
N HIS A 405 -23.90 -28.66 20.29
CA HIS A 405 -24.36 -28.35 21.64
C HIS A 405 -24.53 -29.64 22.42
N TRP A 406 -24.26 -29.57 23.72
CA TRP A 406 -24.45 -30.72 24.60
C TRP A 406 -24.62 -30.22 26.02
N GLN A 407 -25.85 -30.32 26.55
CA GLN A 407 -26.14 -29.83 27.88
C GLN A 407 -25.69 -30.84 28.91
N VAL A 408 -24.92 -30.37 29.89
CA VAL A 408 -24.45 -31.26 30.95
C VAL A 408 -24.59 -30.58 32.30
N ASP A 409 -24.73 -31.39 33.34
CA ASP A 409 -24.73 -30.94 34.72
C ASP A 409 -23.33 -31.16 35.27
N TYR A 410 -22.58 -30.08 35.45
CA TYR A 410 -21.17 -30.21 35.81
C TYR A 410 -20.98 -30.73 37.22
N THR A 411 -21.95 -30.48 38.10
CA THR A 411 -21.87 -30.93 39.49
C THR A 411 -22.45 -32.33 39.69
N GLY A 412 -23.21 -32.84 38.72
CA GLY A 412 -23.74 -34.18 38.79
C GLY A 412 -24.60 -34.45 40.01
N ARG A 413 -25.61 -33.61 40.23
CA ARG A 413 -26.57 -33.82 41.31
C ARG A 413 -27.99 -33.49 40.87
N SER B 4 -9.62 26.74 14.29
CA SER B 4 -9.23 26.86 12.89
C SER B 4 -8.10 25.88 12.54
N PRO B 5 -8.19 25.26 11.38
CA PRO B 5 -7.21 24.22 11.02
C PRO B 5 -5.81 24.80 10.79
N ASN B 6 -4.82 23.94 10.93
CA ASN B 6 -3.42 24.33 10.83
C ASN B 6 -2.97 24.24 9.37
N LEU B 7 -3.38 25.24 8.60
CA LEU B 7 -3.10 25.35 7.18
C LEU B 7 -2.42 26.68 6.88
N PRO B 8 -1.62 26.76 5.83
CA PRO B 8 -1.07 28.07 5.42
C PRO B 8 -2.18 29.06 5.15
N PRO B 9 -1.98 30.34 5.48
CA PRO B 9 -3.02 31.32 5.17
C PRO B 9 -3.37 31.31 3.68
N GLY B 10 -4.66 31.39 3.39
CA GLY B 10 -5.14 31.45 2.03
C GLY B 10 -5.13 30.13 1.28
N PHE B 11 -4.89 29.03 1.97
CA PHE B 11 -4.85 27.72 1.30
C PHE B 11 -6.18 27.41 0.62
N ASP B 12 -6.10 26.94 -0.63
CA ASP B 12 -7.28 26.68 -1.45
C ASP B 12 -7.17 25.25 -1.99
N PHE B 13 -8.04 24.38 -1.51
CA PHE B 13 -7.98 22.97 -1.89
C PHE B 13 -8.36 22.71 -3.34
N THR B 14 -8.92 23.69 -4.05
CA THR B 14 -9.19 23.53 -5.48
C THR B 14 -8.08 24.12 -6.34
N ASP B 15 -6.98 24.56 -5.72
CA ASP B 15 -5.88 25.16 -6.47
C ASP B 15 -5.25 24.14 -7.42
N PRO B 16 -5.28 24.35 -8.74
CA PRO B 16 -4.68 23.36 -9.64
C PRO B 16 -3.18 23.20 -9.47
N ALA B 17 -2.50 24.23 -8.95
CA ALA B 17 -1.05 24.12 -8.77
C ALA B 17 -0.70 23.05 -7.74
N ILE B 18 -1.56 22.83 -6.75
CA ILE B 18 -1.35 21.75 -5.78
C ILE B 18 -1.30 20.41 -6.49
N TYR B 19 -2.34 20.10 -7.26
CA TYR B 19 -2.48 18.76 -7.83
C TYR B 19 -1.52 18.51 -8.97
N ALA B 20 -1.01 19.57 -9.60
CA ALA B 20 0.10 19.39 -10.54
C ALA B 20 1.31 18.76 -9.86
N GLU B 21 1.42 18.87 -8.54
CA GLU B 21 2.55 18.37 -7.77
C GLU B 21 2.22 17.17 -6.89
N ARG B 22 1.05 17.16 -6.26
CA ARG B 22 0.78 16.16 -5.24
C ARG B 22 -0.72 16.16 -4.92
N LEU B 23 -1.14 15.12 -4.24
CA LEU B 23 -2.43 15.15 -3.58
C LEU B 23 -2.25 15.70 -2.16
N PRO B 24 -3.04 16.68 -1.73
CA PRO B 24 -2.83 17.27 -0.39
C PRO B 24 -3.41 16.38 0.72
N VAL B 25 -2.82 15.19 0.85
CA VAL B 25 -3.34 14.18 1.77
C VAL B 25 -3.29 14.70 3.19
N ALA B 26 -2.17 15.28 3.58
CA ALA B 26 -2.01 15.74 4.96
C ALA B 26 -2.91 16.94 5.23
N GLU B 27 -3.09 17.83 4.27
CA GLU B 27 -3.98 18.96 4.51
C GLU B 27 -5.42 18.50 4.69
N PHE B 28 -5.85 17.53 3.89
CA PHE B 28 -7.18 16.96 4.11
C PHE B 28 -7.29 16.30 5.48
N ALA B 29 -6.25 15.56 5.88
CA ALA B 29 -6.28 14.93 7.20
C ALA B 29 -6.44 15.97 8.29
N GLU B 30 -5.80 17.12 8.14
CA GLU B 30 -5.93 18.17 9.15
C GLU B 30 -7.35 18.70 9.20
N LEU B 31 -8.01 18.83 8.04
CA LEU B 31 -9.41 19.29 8.04
C LEU B 31 -10.32 18.29 8.74
N ARG B 32 -10.21 17.01 8.38
CA ARG B 32 -11.00 15.98 9.05
C ARG B 32 -10.78 16.03 10.56
N SER B 33 -9.54 16.24 10.99
CA SER B 33 -9.23 16.29 12.42
C SER B 33 -9.77 17.56 13.06
N ALA B 34 -9.50 18.74 12.49
CA ALA B 34 -9.72 19.99 13.20
C ALA B 34 -10.90 20.82 12.69
N ALA B 35 -11.38 20.57 11.47
CA ALA B 35 -12.44 21.39 10.89
C ALA B 35 -13.05 20.66 9.72
N PRO B 36 -13.83 19.60 9.96
CA PRO B 36 -14.25 18.73 8.85
C PRO B 36 -15.20 19.40 7.87
N ILE B 37 -15.84 20.50 8.24
CA ILE B 37 -16.53 21.38 7.31
C ILE B 37 -15.95 22.77 7.52
N TRP B 38 -15.20 23.26 6.55
CA TRP B 38 -14.38 24.45 6.72
C TRP B 38 -14.57 25.41 5.55
N TRP B 39 -14.80 26.68 5.87
CA TRP B 39 -14.97 27.68 4.83
C TRP B 39 -13.65 27.90 4.10
N ASN B 40 -13.62 27.56 2.80
CA ASN B 40 -12.45 27.73 1.95
C ASN B 40 -12.61 29.04 1.18
N GLY B 41 -12.14 30.12 1.79
CA GLY B 41 -12.26 31.44 1.17
C GLY B 41 -11.37 31.57 -0.04
N GLN B 42 -11.85 32.34 -1.01
CA GLN B 42 -11.16 32.57 -2.27
C GLN B 42 -11.16 34.06 -2.58
N ASP B 43 -10.00 34.61 -2.88
CA ASP B 43 -9.89 36.03 -3.17
C ASP B 43 -10.60 36.39 -4.47
N PRO B 44 -10.86 37.69 -4.69
CA PRO B 44 -11.50 38.08 -5.95
C PRO B 44 -10.68 37.65 -7.15
N GLY B 45 -11.36 37.07 -8.14
CA GLY B 45 -10.71 36.63 -9.35
C GLY B 45 -9.96 35.33 -9.25
N LYS B 46 -9.89 34.72 -8.07
CA LYS B 46 -9.13 33.49 -7.86
C LYS B 46 -10.04 32.33 -7.47
N GLY B 47 -11.29 32.35 -7.93
CA GLY B 47 -12.25 31.33 -7.56
C GLY B 47 -12.49 30.30 -8.64
N GLY B 48 -11.56 30.19 -9.58
CA GLY B 48 -11.69 29.20 -10.63
C GLY B 48 -12.96 29.37 -11.44
N GLY B 49 -13.39 30.60 -11.66
CA GLY B 49 -14.56 30.87 -12.45
C GLY B 49 -15.80 31.23 -11.66
N PHE B 50 -15.76 31.05 -10.33
CA PHE B 50 -16.86 31.40 -9.45
C PHE B 50 -16.47 32.63 -8.62
N HIS B 51 -17.42 33.53 -8.44
CA HIS B 51 -17.14 34.83 -7.84
C HIS B 51 -18.02 35.04 -6.63
N ASP B 52 -18.04 34.05 -5.74
CA ASP B 52 -18.88 34.09 -4.54
C ASP B 52 -18.05 34.16 -3.26
N GLY B 53 -16.72 34.23 -3.35
CA GLY B 53 -15.88 34.40 -2.19
C GLY B 53 -15.35 33.11 -1.60
N GLY B 54 -15.85 31.97 -2.03
CA GLY B 54 -15.31 30.69 -1.59
C GLY B 54 -16.42 29.67 -1.47
N PHE B 55 -16.12 28.60 -0.74
CA PHE B 55 -17.01 27.45 -0.65
C PHE B 55 -16.76 26.70 0.66
N TRP B 56 -17.68 25.81 1.00
CA TRP B 56 -17.55 24.92 2.15
C TRP B 56 -16.81 23.67 1.70
N ALA B 57 -15.61 23.46 2.24
CA ALA B 57 -14.88 22.22 1.97
C ALA B 57 -15.48 21.10 2.81
N ILE B 58 -15.92 20.04 2.16
CA ILE B 58 -16.54 18.87 2.80
C ILE B 58 -15.54 17.72 2.73
N THR B 59 -15.12 17.23 3.90
CA THR B 59 -14.03 16.28 3.98
C THR B 59 -14.41 14.95 4.56
N LYS B 60 -15.57 14.81 5.20
CA LYS B 60 -15.97 13.54 5.82
C LYS B 60 -16.93 12.78 4.91
N LEU B 61 -16.80 11.45 4.94
CA LEU B 61 -17.57 10.64 4.00
C LEU B 61 -19.07 10.76 4.24
N ASN B 62 -19.49 10.73 5.50
CA ASN B 62 -20.93 10.81 5.79
C ASN B 62 -21.52 12.13 5.30
N ASP B 63 -20.77 13.22 5.38
CA ASP B 63 -21.28 14.49 4.88
C ASP B 63 -21.36 14.50 3.35
N VAL B 64 -20.47 13.76 2.70
CA VAL B 64 -20.55 13.62 1.25
C VAL B 64 -21.80 12.84 0.87
N LYS B 65 -22.07 11.74 1.56
CA LYS B 65 -23.27 10.97 1.29
C LYS B 65 -24.52 11.78 1.55
N GLU B 66 -24.55 12.54 2.65
CA GLU B 66 -25.74 13.31 2.97
C GLU B 66 -26.02 14.38 1.91
N ILE B 67 -24.96 15.02 1.42
CA ILE B 67 -25.14 16.02 0.36
C ILE B 67 -25.62 15.34 -0.91
N SER B 68 -25.02 14.19 -1.25
CA SER B 68 -25.42 13.49 -2.46
C SER B 68 -26.85 13.00 -2.37
N ARG B 69 -27.29 12.59 -1.18
CA ARG B 69 -28.64 12.07 -1.01
C ARG B 69 -29.69 13.16 -1.18
N HIS B 70 -29.39 14.37 -0.71
CA HIS B 70 -30.37 15.46 -0.68
C HIS B 70 -30.20 16.37 -1.89
N SER B 71 -30.43 15.78 -3.07
CA SER B 71 -30.29 16.55 -4.31
C SER B 71 -31.33 17.66 -4.38
N ASP B 72 -32.50 17.45 -3.77
CA ASP B 72 -33.51 18.51 -3.76
CA ASP B 72 -33.51 18.50 -3.74
C ASP B 72 -32.97 19.79 -3.13
N VAL B 73 -32.02 19.68 -2.22
CA VAL B 73 -31.43 20.83 -1.54
C VAL B 73 -30.13 21.27 -2.22
N PHE B 74 -29.22 20.33 -2.43
CA PHE B 74 -27.90 20.63 -2.96
C PHE B 74 -27.90 20.40 -4.46
N SER B 75 -27.84 21.48 -5.22
CA SER B 75 -28.11 21.44 -6.66
C SER B 75 -26.85 21.25 -7.49
N SER B 76 -26.96 20.43 -8.53
CA SER B 76 -25.94 20.27 -9.54
C SER B 76 -26.10 21.25 -10.71
N TYR B 77 -27.31 21.73 -10.95
CA TYR B 77 -27.58 22.63 -12.08
C TYR B 77 -27.16 24.07 -11.79
N GLU B 78 -27.32 24.52 -10.54
N GLU B 78 -27.34 24.52 -10.54
CA GLU B 78 -27.17 25.95 -10.26
CA GLU B 78 -27.16 25.93 -10.23
C GLU B 78 -25.79 26.45 -10.66
C GLU B 78 -25.79 26.43 -10.68
N ASN B 79 -24.74 25.70 -10.34
CA ASN B 79 -23.37 26.10 -10.67
C ASN B 79 -22.57 25.00 -11.32
N GLY B 80 -23.20 23.89 -11.68
CA GLY B 80 -22.48 22.76 -12.21
C GLY B 80 -21.75 22.05 -11.10
N VAL B 81 -21.20 20.87 -11.39
CA VAL B 81 -20.51 20.09 -10.37
C VAL B 81 -18.99 20.26 -10.40
N ILE B 82 -18.43 20.75 -11.50
CA ILE B 82 -16.98 20.97 -11.57
C ILE B 82 -16.66 22.18 -10.71
N PRO B 83 -15.80 22.07 -9.70
CA PRO B 83 -15.57 23.19 -8.79
C PRO B 83 -14.42 24.11 -9.18
N ARG B 84 -13.80 23.92 -10.35
CA ARG B 84 -12.67 24.77 -10.71
C ARG B 84 -12.49 24.78 -12.23
N PHE B 85 -12.48 25.97 -12.79
CA PHE B 85 -12.12 26.21 -14.17
C PHE B 85 -10.99 27.23 -14.20
N LYS B 86 -10.54 27.59 -15.39
CA LYS B 86 -9.67 28.76 -15.52
C LYS B 86 -10.33 29.96 -14.85
N ASN B 87 -9.54 30.70 -14.06
CA ASN B 87 -10.07 31.84 -13.31
C ASN B 87 -10.85 32.81 -14.17
N ASP B 88 -10.49 32.95 -15.45
CA ASP B 88 -11.09 33.93 -16.32
C ASP B 88 -12.17 33.34 -17.22
N ILE B 89 -12.63 32.12 -16.92
CA ILE B 89 -13.69 31.52 -17.73
C ILE B 89 -14.94 32.39 -17.68
N ALA B 90 -15.59 32.54 -18.83
CA ALA B 90 -16.88 33.24 -18.86
C ALA B 90 -17.96 32.38 -18.23
N ARG B 91 -18.91 33.03 -17.56
CA ARG B 91 -20.02 32.30 -16.96
C ARG B 91 -20.73 31.44 -18.00
N GLU B 92 -20.90 31.95 -19.22
CA GLU B 92 -21.59 31.18 -20.25
C GLU B 92 -20.92 29.84 -20.49
N ASP B 93 -19.59 29.81 -20.49
CA ASP B 93 -18.89 28.54 -20.68
C ASP B 93 -19.08 27.60 -19.49
N ILE B 94 -19.43 28.12 -18.32
CA ILE B 94 -19.72 27.24 -17.19
C ILE B 94 -21.12 26.66 -17.34
N GLU B 95 -22.06 27.45 -17.83
CA GLU B 95 -23.45 27.03 -17.91
C GLU B 95 -23.69 25.99 -19.00
N VAL B 96 -22.81 25.91 -20.00
CA VAL B 96 -22.97 24.90 -21.03
C VAL B 96 -22.94 23.51 -20.42
N GLN B 97 -22.26 23.35 -19.27
CA GLN B 97 -22.25 22.05 -18.60
C GLN B 97 -23.66 21.55 -18.36
N ARG B 98 -24.61 22.48 -18.17
CA ARG B 98 -25.99 22.10 -17.85
C ARG B 98 -26.64 21.29 -18.96
N PHE B 99 -26.06 21.29 -20.16
CA PHE B 99 -26.62 20.49 -21.24
C PHE B 99 -26.42 19.00 -21.03
N VAL B 100 -25.72 18.61 -19.98
CA VAL B 100 -25.42 17.22 -19.68
C VAL B 100 -26.16 16.81 -18.42
N MET B 101 -26.57 15.55 -18.38
CA MET B 101 -27.34 15.02 -17.26
CA MET B 101 -27.36 15.05 -17.25
C MET B 101 -26.61 15.23 -15.93
N LEU B 102 -25.28 15.15 -15.95
CA LEU B 102 -24.50 15.34 -14.74
C LEU B 102 -24.88 16.64 -14.02
N ASN B 103 -25.18 17.68 -14.80
CA ASN B 103 -25.38 19.03 -14.29
C ASN B 103 -26.83 19.47 -14.43
N MET B 104 -27.76 18.55 -14.22
CA MET B 104 -29.19 18.82 -14.25
C MET B 104 -29.81 18.39 -12.94
N ASP B 105 -30.78 19.17 -12.47
CA ASP B 105 -31.61 18.79 -11.34
C ASP B 105 -32.92 18.17 -11.85
N ALA B 106 -33.65 17.58 -10.91
CA ALA B 106 -34.98 17.08 -11.24
C ALA B 106 -35.89 18.26 -11.59
N PRO B 107 -36.92 18.04 -12.43
CA PRO B 107 -37.27 16.75 -13.03
C PRO B 107 -36.52 16.43 -14.32
N HIS B 108 -35.88 17.42 -14.95
CA HIS B 108 -35.16 17.16 -16.19
CA HIS B 108 -35.15 17.18 -16.19
C HIS B 108 -34.19 16.01 -16.02
N HIS B 109 -33.36 16.06 -14.97
CA HIS B 109 -32.42 14.96 -14.73
C HIS B 109 -33.14 13.63 -14.66
N THR B 110 -34.28 13.59 -13.96
CA THR B 110 -35.00 12.33 -13.80
C THR B 110 -35.35 11.74 -15.16
N ARG B 111 -35.99 12.52 -16.03
CA ARG B 111 -36.34 12.00 -17.34
C ARG B 111 -35.13 11.39 -18.04
N LEU B 112 -34.05 12.17 -18.19
CA LEU B 112 -32.88 11.69 -18.93
C LEU B 112 -32.29 10.42 -18.31
N ARG B 113 -32.14 10.43 -16.98
CA ARG B 113 -31.47 9.30 -16.32
C ARG B 113 -32.22 7.99 -16.56
N LYS B 114 -33.55 8.01 -16.49
CA LYS B 114 -34.31 6.79 -16.73
C LYS B 114 -34.14 6.31 -18.16
N ILE B 115 -34.24 7.22 -19.13
CA ILE B 115 -33.99 6.85 -20.52
C ILE B 115 -32.61 6.22 -20.66
N ILE B 116 -31.60 6.85 -20.04
CA ILE B 116 -30.23 6.38 -20.18
C ILE B 116 -29.99 5.07 -19.43
N SER B 117 -30.88 4.69 -18.51
CA SER B 117 -30.67 3.46 -17.75
C SER B 117 -30.59 2.25 -18.67
N ARG B 118 -31.43 2.22 -19.70
CA ARG B 118 -31.48 1.07 -20.61
C ARG B 118 -30.16 0.87 -21.36
N GLY B 119 -29.21 1.77 -21.18
CA GLY B 119 -27.95 1.68 -21.87
C GLY B 119 -26.81 1.08 -21.06
N PHE B 120 -27.03 0.95 -19.74
CA PHE B 120 -26.03 0.37 -18.85
CA PHE B 120 -26.05 0.43 -18.79
C PHE B 120 -26.60 -0.81 -18.08
N THR B 121 -27.75 -1.32 -18.50
CA THR B 121 -28.28 -2.58 -17.99
C THR B 121 -27.15 -3.61 -17.94
N PRO B 122 -27.27 -4.64 -17.10
CA PRO B 122 -26.24 -5.69 -17.10
C PRO B 122 -26.00 -6.32 -18.47
N ARG B 123 -26.89 -6.07 -19.42
CA ARG B 123 -26.71 -6.61 -20.76
C ARG B 123 -25.73 -5.77 -21.56
N ALA B 124 -25.88 -4.44 -21.54
CA ALA B 124 -24.95 -3.58 -22.26
C ALA B 124 -23.53 -3.75 -21.74
N VAL B 125 -23.36 -3.83 -20.42
CA VAL B 125 -22.03 -3.92 -19.84
C VAL B 125 -21.49 -5.35 -19.96
N GLY B 126 -22.27 -6.33 -19.48
CA GLY B 126 -21.81 -7.70 -19.51
C GLY B 126 -21.50 -8.21 -20.91
N ARG B 127 -22.23 -7.73 -21.93
CA ARG B 127 -21.97 -8.19 -23.28
C ARG B 127 -20.64 -7.71 -23.81
N LEU B 128 -20.11 -6.60 -23.28
CA LEU B 128 -18.81 -6.11 -23.71
C LEU B 128 -17.66 -6.86 -23.05
N HIS B 129 -17.94 -7.77 -22.11
CA HIS B 129 -16.87 -8.43 -21.38
C HIS B 129 -15.88 -9.10 -22.32
N ASP B 130 -16.36 -10.00 -23.19
CA ASP B 130 -15.47 -10.84 -23.97
C ASP B 130 -14.58 -10.02 -24.89
N GLU B 131 -15.15 -9.03 -25.58
CA GLU B 131 -14.32 -8.21 -26.46
C GLU B 131 -13.29 -7.40 -25.68
N LEU B 132 -13.70 -6.84 -24.54
CA LEU B 132 -12.77 -6.03 -23.75
C LEU B 132 -11.67 -6.90 -23.16
N GLN B 133 -12.03 -8.14 -22.78
CA GLN B 133 -11.02 -9.08 -22.29
C GLN B 133 -10.00 -9.39 -23.37
N GLU B 134 -10.47 -9.75 -24.56
CA GLU B 134 -9.54 -10.01 -25.67
C GLU B 134 -8.64 -8.81 -25.91
N ARG B 135 -9.19 -7.60 -25.84
CA ARG B 135 -8.39 -6.42 -26.13
C ARG B 135 -7.48 -6.06 -24.97
N ALA B 136 -7.91 -6.27 -23.73
CA ALA B 136 -7.01 -6.07 -22.58
C ALA B 136 -5.80 -6.97 -22.70
N GLN B 137 -6.01 -8.23 -23.06
CA GLN B 137 -4.90 -9.16 -23.20
C GLN B 137 -3.97 -8.70 -24.31
N LYS B 138 -4.54 -8.30 -25.45
CA LYS B 138 -3.71 -7.79 -26.53
C LYS B 138 -2.90 -6.57 -26.07
N ILE B 139 -3.57 -5.64 -25.38
CA ILE B 139 -2.88 -4.44 -24.90
C ILE B 139 -1.70 -4.82 -24.03
N ALA B 140 -1.93 -5.69 -23.03
CA ALA B 140 -0.85 -6.08 -22.12
C ALA B 140 0.25 -6.82 -22.87
N ALA B 141 -0.12 -7.65 -23.84
CA ALA B 141 0.89 -8.37 -24.60
C ALA B 141 1.76 -7.42 -25.39
N GLU B 142 1.15 -6.39 -25.99
CA GLU B 142 1.92 -5.42 -26.74
C GLU B 142 2.85 -4.62 -25.84
N ALA B 143 2.39 -4.25 -24.65
CA ALA B 143 3.25 -3.54 -23.72
C ALA B 143 4.42 -4.43 -23.30
N ALA B 144 4.14 -5.68 -22.96
CA ALA B 144 5.21 -6.59 -22.56
C ALA B 144 6.25 -6.75 -23.67
N ALA B 145 5.80 -6.77 -24.93
CA ALA B 145 6.75 -6.91 -26.03
C ALA B 145 7.58 -5.65 -26.24
N ALA B 146 7.03 -4.49 -25.90
CA ALA B 146 7.78 -3.24 -26.00
C ALA B 146 8.87 -3.16 -24.93
N GLY B 147 8.74 -3.89 -23.83
CA GLY B 147 9.76 -3.96 -22.80
C GLY B 147 9.62 -2.88 -21.74
N SER B 148 9.37 -1.65 -22.15
CA SER B 148 9.20 -0.53 -21.24
C SER B 148 8.58 0.60 -22.03
N GLY B 149 8.14 1.63 -21.30
CA GLY B 149 7.57 2.81 -21.92
C GLY B 149 6.64 3.49 -20.94
N ASP B 150 5.78 4.34 -21.50
CA ASP B 150 4.86 5.14 -20.72
C ASP B 150 3.64 4.27 -20.42
N PHE B 151 3.56 3.78 -19.18
CA PHE B 151 2.43 2.97 -18.75
C PHE B 151 1.10 3.62 -19.08
N VAL B 152 0.99 4.94 -18.93
CA VAL B 152 -0.30 5.57 -19.11
C VAL B 152 -0.78 5.39 -20.55
N GLU B 153 0.12 5.59 -21.50
CA GLU B 153 -0.24 5.45 -22.90
C GLU B 153 -0.37 3.99 -23.30
N GLN B 154 0.54 3.13 -22.84
CA GLN B 154 0.63 1.77 -23.34
C GLN B 154 -0.28 0.79 -22.61
N VAL B 155 -0.77 1.13 -21.43
CA VAL B 155 -1.57 0.18 -20.67
C VAL B 155 -2.88 0.81 -20.21
N SER B 156 -2.82 2.06 -19.76
CA SER B 156 -4.00 2.65 -19.13
C SER B 156 -4.98 3.24 -20.14
N CYS B 157 -4.48 3.73 -21.28
CA CYS B 157 -5.25 4.64 -22.12
C CYS B 157 -6.31 3.93 -22.94
N GLU B 158 -5.96 2.82 -23.57
CA GLU B 158 -6.80 2.36 -24.66
C GLU B 158 -8.06 1.68 -24.16
N LEU B 159 -7.95 0.82 -23.15
CA LEU B 159 -9.11 -0.01 -22.79
C LEU B 159 -10.31 0.83 -22.40
N PRO B 160 -10.20 1.86 -21.55
CA PRO B 160 -11.38 2.71 -21.28
C PRO B 160 -12.04 3.25 -22.54
N LEU B 161 -11.24 3.69 -23.50
CA LEU B 161 -11.82 4.25 -24.72
C LEU B 161 -12.51 3.17 -25.54
N GLN B 162 -11.92 1.98 -25.60
CA GLN B 162 -12.56 0.88 -26.32
C GLN B 162 -13.87 0.47 -25.65
N ALA B 163 -13.92 0.54 -24.31
CA ALA B 163 -15.17 0.25 -23.62
C ALA B 163 -16.27 1.20 -24.05
N ILE B 164 -15.93 2.48 -24.26
CA ILE B 164 -16.92 3.44 -24.75
C ILE B 164 -17.32 3.11 -26.18
N ALA B 165 -16.33 2.96 -27.06
CA ALA B 165 -16.60 2.60 -28.44
C ALA B 165 -17.47 1.35 -28.52
N GLY B 166 -17.08 0.30 -27.80
CA GLY B 166 -17.88 -0.91 -27.78
C GLY B 166 -19.32 -0.65 -27.35
N LEU B 167 -19.48 0.02 -26.21
CA LEU B 167 -20.83 0.32 -25.71
C LEU B 167 -21.63 1.10 -26.74
N LEU B 168 -21.04 2.11 -27.37
CA LEU B 168 -21.76 2.92 -28.33
C LEU B 168 -21.83 2.29 -29.72
N GLY B 169 -21.17 1.16 -29.94
CA GLY B 169 -21.16 0.54 -31.26
C GLY B 169 -20.48 1.36 -32.33
N VAL B 170 -19.38 2.01 -32.00
CA VAL B 170 -18.65 2.79 -32.99
C VAL B 170 -17.84 1.85 -33.88
N PRO B 171 -17.91 2.01 -35.21
CA PRO B 171 -17.10 1.14 -36.07
C PRO B 171 -15.62 1.38 -35.87
N GLN B 172 -14.83 0.36 -36.19
CA GLN B 172 -13.39 0.42 -35.95
C GLN B 172 -12.76 1.60 -36.68
N GLU B 173 -13.18 1.87 -37.91
CA GLU B 173 -12.51 2.90 -38.70
C GLU B 173 -12.77 4.31 -38.19
N ASP B 174 -13.68 4.50 -37.23
CA ASP B 174 -13.94 5.80 -36.64
C ASP B 174 -13.39 5.94 -35.24
N ARG B 175 -12.82 4.88 -34.67
CA ARG B 175 -12.40 4.94 -33.27
C ARG B 175 -11.18 5.81 -33.08
N GLY B 176 -10.25 5.78 -34.04
CA GLY B 176 -9.08 6.63 -33.97
C GLY B 176 -9.44 8.09 -33.76
N LYS B 177 -10.27 8.63 -34.67
CA LYS B 177 -10.66 10.03 -34.54
C LYS B 177 -11.56 10.25 -33.32
N LEU B 178 -12.42 9.28 -33.00
CA LEU B 178 -13.22 9.42 -31.78
C LEU B 178 -12.32 9.49 -30.55
N PHE B 179 -11.35 8.58 -30.47
CA PHE B 179 -10.42 8.60 -29.35
C PHE B 179 -9.66 9.92 -29.31
N HIS B 180 -9.21 10.39 -30.47
CA HIS B 180 -8.46 11.65 -30.50
C HIS B 180 -9.32 12.79 -29.96
N TRP B 181 -10.56 12.90 -30.44
CA TRP B 181 -11.43 13.97 -29.98
C TRP B 181 -11.65 13.88 -28.47
N SER B 182 -11.90 12.68 -27.96
CA SER B 182 -12.15 12.53 -26.54
CA SER B 182 -12.15 12.53 -26.53
C SER B 182 -10.95 12.97 -25.72
N ASN B 183 -9.76 12.52 -26.11
CA ASN B 183 -8.54 12.92 -25.41
C ASN B 183 -8.37 14.43 -25.40
N GLU B 184 -8.74 15.10 -26.48
CA GLU B 184 -8.48 16.53 -26.58
C GLU B 184 -9.41 17.36 -25.71
N MET B 185 -10.41 16.75 -25.07
CA MET B 185 -11.24 17.46 -24.10
C MET B 185 -10.72 17.31 -22.67
N THR B 186 -9.60 16.61 -22.49
CA THR B 186 -9.03 16.37 -21.18
C THR B 186 -7.79 17.21 -20.95
N GLY B 187 -7.60 17.61 -19.68
CA GLY B 187 -6.35 18.22 -19.25
C GLY B 187 -6.05 19.58 -19.84
N ASN B 188 -7.08 20.33 -20.25
CA ASN B 188 -6.82 21.57 -20.96
C ASN B 188 -6.31 22.69 -20.06
N GLU B 189 -6.30 22.50 -18.74
CA GLU B 189 -5.69 23.47 -17.84
C GLU B 189 -4.24 23.11 -17.51
N ASP B 190 -3.69 22.09 -18.14
CA ASP B 190 -2.31 21.68 -17.95
C ASP B 190 -1.44 22.21 -19.07
N PRO B 191 -0.25 22.76 -18.77
CA PRO B 191 0.57 23.35 -19.83
C PRO B 191 0.83 22.42 -20.99
N GLU B 192 0.87 21.11 -20.75
CA GLU B 192 1.16 20.18 -21.84
C GLU B 192 0.10 20.23 -22.92
N TYR B 193 -1.11 20.65 -22.57
CA TYR B 193 -2.25 20.64 -23.49
C TYR B 193 -2.85 22.02 -23.68
N ALA B 194 -2.18 23.08 -23.21
CA ALA B 194 -2.77 24.41 -23.27
C ALA B 194 -3.04 24.88 -24.69
N HIS B 195 -2.32 24.34 -25.68
CA HIS B 195 -2.52 24.74 -27.07
C HIS B 195 -3.78 24.15 -27.68
N ILE B 196 -4.33 23.08 -27.10
CA ILE B 196 -5.46 22.38 -27.70
C ILE B 196 -6.75 23.14 -27.45
N ASP B 197 -7.61 23.18 -28.47
CA ASP B 197 -8.93 23.80 -28.42
C ASP B 197 -9.96 22.73 -28.10
N PRO B 198 -10.36 22.55 -26.84
CA PRO B 198 -11.32 21.47 -26.52
C PRO B 198 -12.72 21.73 -27.07
N LYS B 199 -13.09 22.99 -27.31
CA LYS B 199 -14.41 23.27 -27.85
C LYS B 199 -14.52 22.83 -29.31
N ALA B 200 -13.41 22.83 -30.04
CA ALA B 200 -13.43 22.32 -31.40
C ALA B 200 -13.64 20.80 -31.42
N SER B 201 -13.04 20.10 -30.45
CA SER B 201 -13.22 18.65 -30.41
C SER B 201 -14.62 18.27 -29.96
N SER B 202 -15.18 18.97 -28.97
CA SER B 202 -16.53 18.67 -28.53
C SER B 202 -17.52 18.84 -29.67
N ALA B 203 -17.33 19.85 -30.50
CA ALA B 203 -18.21 20.03 -31.66
C ALA B 203 -18.09 18.86 -32.63
N GLU B 204 -16.86 18.35 -32.83
CA GLU B 204 -16.69 17.20 -33.71
C GLU B 204 -17.34 15.95 -33.13
N LEU B 205 -17.35 15.81 -31.80
CA LEU B 205 -17.98 14.64 -31.20
C LEU B 205 -19.49 14.72 -31.33
N ILE B 206 -20.06 15.91 -31.14
CA ILE B 206 -21.51 16.07 -31.27
C ILE B 206 -21.93 15.82 -32.71
N GLY B 207 -21.22 16.40 -33.67
CA GLY B 207 -21.52 16.14 -35.07
C GLY B 207 -21.47 14.65 -35.41
N TYR B 208 -20.45 13.95 -34.93
CA TYR B 208 -20.36 12.53 -35.20
C TYR B 208 -21.52 11.77 -34.58
N ALA B 209 -21.92 12.15 -33.36
CA ALA B 209 -23.03 11.50 -32.71
C ALA B 209 -24.33 11.68 -33.50
N MET B 210 -24.58 12.89 -34.03
CA MET B 210 -25.73 13.09 -34.91
C MET B 210 -25.68 12.12 -36.08
N LYS B 211 -24.58 12.16 -36.84
CA LYS B 211 -24.38 11.19 -37.91
C LYS B 211 -24.69 9.77 -37.45
N MET B 212 -24.35 9.44 -36.20
CA MET B 212 -24.63 8.11 -35.68
C MET B 212 -26.12 7.93 -35.40
N ALA B 213 -26.73 8.92 -34.73
CA ALA B 213 -28.15 8.82 -34.41
C ALA B 213 -28.99 8.72 -35.68
N GLU B 214 -28.67 9.53 -36.69
CA GLU B 214 -29.45 9.51 -37.92
C GLU B 214 -29.26 8.18 -38.65
N GLU B 215 -28.01 7.74 -38.79
CA GLU B 215 -27.74 6.47 -39.46
C GLU B 215 -28.41 5.31 -38.73
N LYS B 216 -28.31 5.28 -37.41
CA LYS B 216 -28.88 4.18 -36.63
C LYS B 216 -30.39 4.24 -36.54
N ALA B 217 -31.02 5.38 -36.89
CA ALA B 217 -32.47 5.41 -36.98
C ALA B 217 -32.97 4.70 -38.23
N LYS B 218 -32.17 4.72 -39.31
CA LYS B 218 -32.53 3.99 -40.52
C LYS B 218 -32.20 2.50 -40.41
N ASN B 219 -31.16 2.16 -39.65
CA ASN B 219 -30.72 0.77 -39.47
C ASN B 219 -30.70 0.40 -37.99
N PRO B 220 -31.86 0.41 -37.31
CA PRO B 220 -31.93 -0.13 -35.96
C PRO B 220 -31.36 -1.54 -35.85
N ASP B 223 -27.67 -2.67 -30.03
CA ASP B 223 -26.75 -1.70 -29.46
C ASP B 223 -27.51 -0.51 -28.88
N ILE B 224 -27.04 -0.04 -27.72
CA ILE B 224 -27.69 1.01 -26.96
C ILE B 224 -28.19 2.14 -27.84
N VAL B 225 -27.43 2.51 -28.88
CA VAL B 225 -27.76 3.67 -29.68
C VAL B 225 -29.22 3.62 -30.14
N THR B 226 -29.68 2.43 -30.51
CA THR B 226 -31.06 2.29 -30.98
C THR B 226 -32.04 2.50 -29.84
N GLN B 227 -31.77 1.92 -28.67
CA GLN B 227 -32.70 2.04 -27.54
C GLN B 227 -32.87 3.48 -27.11
N LEU B 228 -31.84 4.32 -27.28
CA LEU B 228 -31.89 5.68 -26.77
C LEU B 228 -32.69 6.61 -27.68
N ILE B 229 -32.65 6.39 -28.99
CA ILE B 229 -33.35 7.25 -29.94
C ILE B 229 -34.72 6.69 -30.25
N GLN B 230 -35.17 5.70 -29.47
CA GLN B 230 -36.45 5.04 -29.67
C GLN B 230 -37.36 5.31 -28.50
N ALA B 231 -38.66 5.11 -28.73
CA ALA B 231 -39.68 5.31 -27.71
C ALA B 231 -40.41 4.00 -27.39
N GLY B 235 -44.02 6.89 -24.39
CA GLY B 235 -42.87 6.67 -25.25
C GLY B 235 -41.83 7.76 -25.17
N GLU B 236 -40.99 7.70 -24.15
CA GLU B 236 -39.95 8.70 -23.93
C GLU B 236 -38.68 8.29 -24.66
N LYS B 237 -37.97 9.29 -25.20
CA LYS B 237 -36.79 9.02 -26.02
C LYS B 237 -35.88 10.23 -26.00
N LEU B 238 -34.61 9.98 -26.31
CA LEU B 238 -33.62 11.05 -26.41
C LEU B 238 -33.78 11.78 -27.74
N SER B 239 -34.02 13.09 -27.68
CA SER B 239 -33.90 13.91 -28.87
C SER B 239 -32.49 13.80 -29.42
N ASP B 240 -32.34 13.98 -30.73
CA ASP B 240 -31.03 13.81 -31.35
C ASP B 240 -29.98 14.66 -30.66
N ASP B 241 -30.32 15.91 -30.32
CA ASP B 241 -29.38 16.75 -29.57
C ASP B 241 -29.00 16.09 -28.26
N GLU B 242 -29.99 15.67 -27.47
CA GLU B 242 -29.70 15.03 -26.20
C GLU B 242 -28.81 13.81 -26.37
N PHE B 243 -29.00 13.06 -27.46
CA PHE B 243 -28.09 11.96 -27.76
C PHE B 243 -26.68 12.51 -28.00
N GLY B 244 -26.58 13.67 -28.66
CA GLY B 244 -25.27 14.25 -28.90
C GLY B 244 -24.55 14.61 -27.61
N PHE B 245 -25.26 15.31 -26.72
CA PHE B 245 -24.65 15.65 -25.43
C PHE B 245 -24.44 14.40 -24.57
N PHE B 246 -25.33 13.41 -24.70
CA PHE B 246 -25.07 12.12 -24.09
C PHE B 246 -23.73 11.58 -24.54
N VAL B 247 -23.53 11.44 -25.85
CA VAL B 247 -22.30 10.83 -26.37
C VAL B 247 -21.07 11.61 -25.90
N VAL B 248 -21.13 12.94 -25.94
CA VAL B 248 -20.00 13.73 -25.44
C VAL B 248 -19.76 13.42 -23.98
N MET B 249 -20.82 13.45 -23.16
CA MET B 249 -20.69 13.13 -21.74
CA MET B 249 -20.68 13.13 -21.74
C MET B 249 -19.97 11.80 -21.55
N LEU B 250 -20.30 10.80 -22.38
CA LEU B 250 -19.70 9.49 -22.20
C LEU B 250 -18.27 9.45 -22.70
N ALA B 251 -18.00 10.12 -23.83
CA ALA B 251 -16.65 10.17 -24.34
C ALA B 251 -15.68 10.77 -23.33
N VAL B 252 -16.16 11.67 -22.48
CA VAL B 252 -15.32 12.32 -21.48
CA VAL B 252 -15.29 12.30 -21.50
C VAL B 252 -15.37 11.57 -20.16
N ALA B 253 -16.57 11.27 -19.69
CA ALA B 253 -16.70 10.64 -18.37
C ALA B 253 -15.98 9.30 -18.33
N GLY B 254 -16.12 8.50 -19.38
CA GLY B 254 -15.56 7.16 -19.38
C GLY B 254 -14.10 7.09 -19.77
N ASN B 255 -13.45 8.22 -19.99
CA ASN B 255 -12.08 8.22 -20.49
C ASN B 255 -11.10 8.38 -19.34
N GLU B 256 -10.87 9.63 -18.92
CA GLU B 256 -9.74 9.89 -18.01
C GLU B 256 -9.90 9.17 -16.68
N THR B 257 -11.10 9.16 -16.10
CA THR B 257 -11.25 8.65 -14.74
C THR B 257 -10.83 7.18 -14.65
N THR B 258 -11.31 6.35 -15.57
CA THR B 258 -10.89 4.96 -15.55
C THR B 258 -9.40 4.81 -15.85
N ARG B 259 -8.91 5.55 -16.86
CA ARG B 259 -7.48 5.56 -17.16
C ARG B 259 -6.64 5.83 -15.92
N ASN B 260 -7.06 6.82 -15.15
CA ASN B 260 -6.32 7.23 -13.97
C ASN B 260 -6.51 6.28 -12.81
N SER B 261 -7.62 5.54 -12.80
CA SER B 261 -7.74 4.46 -11.85
CA SER B 261 -7.76 4.43 -11.87
C SER B 261 -6.73 3.35 -12.15
N ILE B 262 -6.50 3.07 -13.44
CA ILE B 262 -5.53 2.04 -13.82
C ILE B 262 -4.11 2.47 -13.45
N THR B 263 -3.73 3.71 -13.81
CA THR B 263 -2.37 4.14 -13.51
C THR B 263 -2.12 4.14 -12.01
N GLN B 264 -3.04 4.72 -11.22
CA GLN B 264 -2.81 4.87 -9.79
C GLN B 264 -2.99 3.55 -9.04
N GLY B 265 -3.81 2.65 -9.58
CA GLY B 265 -3.83 1.28 -9.04
C GLY B 265 -2.50 0.59 -9.20
N MET B 266 -1.88 0.73 -10.37
CA MET B 266 -0.56 0.14 -10.56
C MET B 266 0.50 0.82 -9.74
N MET B 267 0.38 2.14 -9.55
CA MET B 267 1.32 2.81 -8.68
C MET B 267 1.20 2.25 -7.26
N ALA B 268 -0.02 1.99 -6.81
CA ALA B 268 -0.24 1.40 -5.49
C ALA B 268 0.38 0.00 -5.41
N PHE B 269 0.19 -0.79 -6.45
CA PHE B 269 0.80 -2.12 -6.46
C PHE B 269 2.32 -2.03 -6.41
N ALA B 270 2.90 -1.07 -7.12
CA ALA B 270 4.35 -0.89 -7.08
C ALA B 270 4.82 -0.51 -5.68
N GLU B 271 4.03 0.30 -4.98
CA GLU B 271 4.37 0.71 -3.62
CA GLU B 271 4.40 0.71 -3.63
C GLU B 271 4.08 -0.36 -2.59
N HIS B 272 3.21 -1.31 -2.91
CA HIS B 272 2.81 -2.37 -1.99
C HIS B 272 2.97 -3.70 -2.68
N PRO B 273 4.21 -4.15 -2.90
CA PRO B 273 4.41 -5.40 -3.64
C PRO B 273 3.73 -6.61 -3.00
N ASP B 274 3.54 -6.60 -1.68
CA ASP B 274 2.83 -7.68 -1.03
C ASP B 274 1.42 -7.81 -1.59
N GLN B 275 0.78 -6.67 -1.86
CA GLN B 275 -0.55 -6.68 -2.42
C GLN B 275 -0.54 -7.15 -3.87
N TRP B 276 0.50 -6.77 -4.62
CA TRP B 276 0.63 -7.23 -5.99
C TRP B 276 0.81 -8.74 -6.04
N GLU B 277 1.63 -9.30 -5.13
CA GLU B 277 1.81 -10.75 -5.12
C GLU B 277 0.50 -11.45 -4.80
N LEU B 278 -0.26 -10.92 -3.83
CA LEU B 278 -1.56 -11.46 -3.49
C LEU B 278 -2.53 -11.34 -4.66
N TYR B 279 -2.52 -10.20 -5.35
CA TYR B 279 -3.41 -10.01 -6.48
C TYR B 279 -3.11 -11.04 -7.58
N LYS B 280 -1.83 -11.21 -7.90
CA LYS B 280 -1.51 -12.12 -8.99
C LYS B 280 -1.99 -13.54 -8.69
N LYS B 281 -2.00 -13.94 -7.41
CA LYS B 281 -2.43 -15.28 -7.05
C LYS B 281 -3.96 -15.38 -7.06
N VAL B 282 -4.63 -14.45 -6.39
CA VAL B 282 -6.06 -14.61 -6.09
C VAL B 282 -6.98 -13.88 -7.08
N ARG B 283 -6.48 -12.85 -7.75
CA ARG B 283 -7.32 -12.03 -8.63
C ARG B 283 -8.65 -11.66 -7.99
N PRO B 284 -8.64 -11.06 -6.80
CA PRO B 284 -9.89 -10.82 -6.07
C PRO B 284 -10.75 -9.77 -6.76
N GLU B 285 -12.06 -10.06 -6.82
CA GLU B 285 -13.00 -9.13 -7.44
C GLU B 285 -13.10 -7.83 -6.65
N THR B 286 -12.71 -7.84 -5.38
CA THR B 286 -12.71 -6.63 -4.56
C THR B 286 -11.59 -5.66 -4.92
N ALA B 287 -10.63 -6.07 -5.75
CA ALA B 287 -9.50 -5.21 -6.05
C ALA B 287 -9.93 -3.93 -6.74
N ALA B 288 -10.89 -4.02 -7.65
CA ALA B 288 -11.31 -2.86 -8.42
C ALA B 288 -11.78 -1.73 -7.52
N ASP B 289 -12.61 -2.03 -6.54
CA ASP B 289 -13.13 -0.99 -5.65
C ASP B 289 -12.04 -0.39 -4.78
N GLU B 290 -11.08 -1.20 -4.30
CA GLU B 290 -9.95 -0.63 -3.57
C GLU B 290 -9.06 0.22 -4.48
N ILE B 291 -8.91 -0.17 -5.76
CA ILE B 291 -8.16 0.66 -6.69
C ILE B 291 -8.87 1.99 -6.91
N VAL B 292 -10.20 1.96 -7.04
CA VAL B 292 -10.93 3.21 -7.18
C VAL B 292 -10.84 4.04 -5.91
N ARG B 293 -10.94 3.40 -4.75
CA ARG B 293 -10.84 4.17 -3.52
C ARG B 293 -9.48 4.87 -3.44
N TRP B 294 -8.43 4.11 -3.76
CA TRP B 294 -7.07 4.63 -3.67
C TRP B 294 -6.80 5.69 -4.73
N ALA B 295 -7.34 5.47 -5.93
CA ALA B 295 -7.11 6.35 -7.06
C ALA B 295 -7.96 7.61 -7.00
N THR B 296 -9.15 7.55 -6.37
CA THR B 296 -10.14 8.64 -6.37
C THR B 296 -9.93 9.54 -7.58
N PRO B 297 -10.21 9.05 -8.79
CA PRO B 297 -9.88 9.81 -10.01
C PRO B 297 -10.54 11.18 -10.08
N VAL B 298 -11.73 11.33 -9.50
CA VAL B 298 -12.37 12.63 -9.33
C VAL B 298 -12.09 13.07 -7.89
N THR B 299 -11.28 14.11 -7.73
CA THR B 299 -10.94 14.58 -6.39
C THR B 299 -12.13 15.22 -5.70
N ALA B 300 -12.99 15.90 -6.46
CA ALA B 300 -14.10 16.63 -5.84
C ALA B 300 -15.10 17.07 -6.91
N PHE B 301 -16.37 16.96 -6.56
CA PHE B 301 -17.47 17.62 -7.27
C PHE B 301 -18.19 18.52 -6.27
N GLN B 302 -18.90 19.51 -6.78
CA GLN B 302 -19.57 20.48 -5.93
C GLN B 302 -21.08 20.45 -6.11
N ARG B 303 -21.76 21.14 -5.19
CA ARG B 303 -23.20 21.38 -5.26
C ARG B 303 -23.46 22.81 -4.78
N THR B 304 -24.67 23.30 -5.05
CA THR B 304 -25.11 24.62 -4.60
C THR B 304 -26.35 24.45 -3.73
N ALA B 305 -26.33 25.08 -2.56
CA ALA B 305 -27.45 24.98 -1.63
C ALA B 305 -28.60 25.84 -2.14
N LEU B 306 -29.76 25.21 -2.38
CA LEU B 306 -30.92 25.95 -2.84
C LEU B 306 -31.70 26.58 -1.68
N ARG B 307 -31.50 26.10 -0.46
CA ARG B 307 -32.09 26.72 0.73
C ARG B 307 -31.09 26.60 1.87
N ASP B 308 -31.44 27.19 3.01
CA ASP B 308 -30.62 27.04 4.20
C ASP B 308 -30.67 25.59 4.68
N TYR B 309 -29.52 25.08 5.11
CA TYR B 309 -29.40 23.67 5.48
C TYR B 309 -28.26 23.52 6.47
N GLU B 310 -28.56 22.92 7.62
CA GLU B 310 -27.54 22.66 8.63
C GLU B 310 -26.95 21.27 8.38
N LEU B 311 -25.64 21.22 8.22
CA LEU B 311 -24.94 19.98 7.93
C LEU B 311 -23.90 19.75 9.01
N SER B 312 -24.07 18.68 9.79
CA SER B 312 -23.14 18.34 10.86
C SER B 312 -22.77 19.58 11.66
N GLY B 313 -23.80 20.35 12.03
CA GLY B 313 -23.63 21.49 12.91
C GLY B 313 -23.24 22.78 12.24
N VAL B 314 -22.97 22.78 10.93
CA VAL B 314 -22.60 23.99 10.20
C VAL B 314 -23.79 24.44 9.38
N GLN B 315 -24.09 25.74 9.44
CA GLN B 315 -25.24 26.30 8.73
C GLN B 315 -24.79 26.69 7.32
N ILE B 316 -25.21 25.88 6.34
CA ILE B 316 -25.00 26.22 4.94
C ILE B 316 -26.09 27.20 4.51
N LYS B 317 -25.70 28.28 3.85
CA LYS B 317 -26.64 29.33 3.44
C LYS B 317 -27.04 29.15 1.98
N LYS B 318 -28.29 29.50 1.69
CA LYS B 318 -28.80 29.47 0.33
C LYS B 318 -27.81 30.14 -0.62
N GLY B 319 -27.54 29.50 -1.75
CA GLY B 319 -26.65 30.03 -2.75
C GLY B 319 -25.18 29.67 -2.55
N GLN B 320 -24.81 29.12 -1.40
CA GLN B 320 -23.41 28.79 -1.16
C GLN B 320 -23.06 27.45 -1.80
N ARG B 321 -21.81 27.35 -2.24
CA ARG B 321 -21.30 26.12 -2.80
C ARG B 321 -20.72 25.24 -1.71
N VAL B 322 -20.88 23.93 -1.88
CA VAL B 322 -20.24 22.92 -1.06
C VAL B 322 -19.43 22.04 -2.00
N VAL B 323 -18.17 21.78 -1.64
CA VAL B 323 -17.27 21.00 -2.48
C VAL B 323 -17.01 19.68 -1.77
N MET B 324 -17.47 18.59 -2.39
CA MET B 324 -17.35 17.25 -1.82
C MET B 324 -15.98 16.72 -2.23
N PHE B 325 -15.04 16.70 -1.30
CA PHE B 325 -13.70 16.17 -1.56
C PHE B 325 -13.68 14.67 -1.33
N TYR B 326 -13.98 13.93 -2.41
CA TYR B 326 -13.93 12.48 -2.36
C TYR B 326 -12.56 11.99 -1.92
N ARG B 327 -11.49 12.73 -2.27
CA ARG B 327 -10.14 12.31 -1.91
C ARG B 327 -9.95 12.29 -0.40
N SER B 328 -10.61 13.20 0.30
CA SER B 328 -10.60 13.18 1.75
C SER B 328 -11.52 12.10 2.29
N ALA B 329 -12.75 12.03 1.74
CA ALA B 329 -13.75 11.13 2.30
C ALA B 329 -13.33 9.66 2.19
N ASN B 330 -12.65 9.32 1.10
CA ASN B 330 -12.24 7.94 0.87
C ASN B 330 -11.10 7.50 1.78
N PHE B 331 -10.58 8.38 2.64
CA PHE B 331 -9.57 8.04 3.63
C PHE B 331 -10.06 8.43 5.03
N ASP B 332 -11.39 8.50 5.19
CA ASP B 332 -12.02 8.89 6.46
C ASP B 332 -11.76 7.82 7.52
N GLU B 333 -11.03 8.21 8.56
CA GLU B 333 -10.60 7.27 9.57
C GLU B 333 -11.77 6.64 10.32
N GLU B 334 -12.94 7.29 10.31
CA GLU B 334 -14.10 6.76 11.01
C GLU B 334 -14.88 5.76 10.17
N VAL B 335 -14.58 5.62 8.89
CA VAL B 335 -15.28 4.71 8.00
C VAL B 335 -14.42 3.50 7.64
N PHE B 336 -13.14 3.71 7.36
CA PHE B 336 -12.25 2.66 6.89
C PHE B 336 -11.28 2.26 7.99
N GLN B 337 -11.08 0.95 8.12
CA GLN B 337 -10.02 0.42 8.95
C GLN B 337 -8.69 0.58 8.21
N ASP B 338 -7.77 1.30 8.82
CA ASP B 338 -6.46 1.56 8.22
C ASP B 338 -6.63 2.18 6.84
N PRO B 339 -7.19 3.40 6.77
CA PRO B 339 -7.47 3.99 5.45
C PRO B 339 -6.23 4.13 4.59
N PHE B 340 -5.07 4.26 5.21
CA PHE B 340 -3.84 4.47 4.48
C PHE B 340 -3.15 3.18 4.12
N THR B 341 -3.79 2.03 4.34
CA THR B 341 -3.32 0.75 3.82
CA THR B 341 -3.32 0.75 3.82
C THR B 341 -4.06 0.45 2.52
N PHE B 342 -3.31 0.07 1.49
CA PHE B 342 -3.87 -0.41 0.23
C PHE B 342 -4.16 -1.90 0.43
N ASN B 343 -5.44 -2.27 0.55
CA ASN B 343 -5.86 -3.63 0.84
C ASN B 343 -6.87 -4.07 -0.22
N ILE B 344 -6.43 -4.92 -1.15
CA ILE B 344 -7.31 -5.28 -2.26
C ILE B 344 -8.42 -6.25 -1.85
N LEU B 345 -8.33 -6.81 -0.66
CA LEU B 345 -9.40 -7.62 -0.10
C LEU B 345 -10.42 -6.81 0.67
N ARG B 346 -10.24 -5.49 0.80
CA ARG B 346 -11.12 -4.68 1.62
C ARG B 346 -12.58 -4.95 1.26
N ASN B 347 -13.39 -5.26 2.28
CA ASN B 347 -14.78 -5.62 2.05
C ASN B 347 -15.60 -5.56 3.34
N PRO B 348 -16.74 -4.85 3.37
CA PRO B 348 -17.25 -3.96 2.32
C PRO B 348 -16.28 -2.80 2.05
N ASN B 349 -16.52 -2.04 0.99
CA ASN B 349 -15.69 -0.90 0.62
C ASN B 349 -16.61 0.24 0.22
N PRO B 350 -17.11 1.01 1.21
CA PRO B 350 -18.13 2.03 0.94
C PRO B 350 -17.55 3.37 0.50
N HIS B 351 -16.57 3.30 -0.40
CA HIS B 351 -15.93 4.52 -0.90
C HIS B 351 -16.88 5.34 -1.77
N VAL B 352 -16.55 6.61 -1.91
CA VAL B 352 -17.35 7.52 -2.71
C VAL B 352 -16.62 7.93 -3.97
N GLY B 353 -15.67 7.10 -4.42
CA GLY B 353 -14.98 7.39 -5.67
C GLY B 353 -15.92 7.54 -6.86
N PHE B 354 -17.04 6.82 -6.84
CA PHE B 354 -18.12 6.99 -7.81
C PHE B 354 -19.18 7.97 -7.30
N GLY B 355 -18.82 8.82 -6.35
CA GLY B 355 -19.75 9.74 -5.75
C GLY B 355 -20.54 9.09 -4.64
N GLY B 356 -21.27 9.91 -3.91
CA GLY B 356 -22.18 9.38 -2.92
C GLY B 356 -23.43 8.79 -3.55
N THR B 357 -24.09 7.93 -2.79
CA THR B 357 -25.33 7.34 -3.26
C THR B 357 -26.40 8.42 -3.41
N GLY B 358 -27.12 8.37 -4.52
CA GLY B 358 -28.17 9.35 -4.74
C GLY B 358 -28.50 9.44 -6.21
N ALA B 359 -29.19 10.52 -6.55
CA ALA B 359 -29.72 10.68 -7.90
C ALA B 359 -28.63 10.67 -8.96
N HIS B 360 -27.42 11.11 -8.60
CA HIS B 360 -26.36 11.31 -9.59
C HIS B 360 -25.25 10.26 -9.48
N TYR B 361 -25.49 9.16 -8.77
CA TYR B 361 -24.46 8.15 -8.60
C TYR B 361 -23.96 7.68 -9.97
N CYS B 362 -22.68 7.32 -10.02
CA CYS B 362 -22.03 7.05 -11.31
C CYS B 362 -22.69 5.87 -12.02
N ILE B 363 -23.32 6.16 -13.17
CA ILE B 363 -23.95 5.10 -13.95
C ILE B 363 -22.93 4.22 -14.65
N GLY B 364 -21.70 4.69 -14.83
CA GLY B 364 -20.63 3.89 -15.39
C GLY B 364 -19.82 3.06 -14.42
N ALA B 365 -20.23 2.97 -13.15
CA ALA B 365 -19.37 2.33 -12.15
C ALA B 365 -19.07 0.88 -12.50
N ASN B 366 -20.05 0.14 -13.01
CA ASN B 366 -19.81 -1.27 -13.30
C ASN B 366 -18.96 -1.45 -14.54
N LEU B 367 -19.18 -0.61 -15.56
CA LEU B 367 -18.29 -0.64 -16.71
C LEU B 367 -16.85 -0.35 -16.28
N ALA B 368 -16.67 0.64 -15.40
CA ALA B 368 -15.32 0.98 -14.94
C ALA B 368 -14.69 -0.20 -14.20
N ARG B 369 -15.43 -0.79 -13.26
CA ARG B 369 -14.92 -1.93 -12.54
C ARG B 369 -14.51 -3.07 -13.48
N MET B 370 -15.37 -3.36 -14.46
CA MET B 370 -15.02 -4.39 -15.43
C MET B 370 -13.73 -4.06 -16.17
N THR B 371 -13.62 -2.83 -16.67
CA THR B 371 -12.40 -2.39 -17.34
C THR B 371 -11.19 -2.55 -16.44
N ILE B 372 -11.31 -2.11 -15.20
CA ILE B 372 -10.19 -2.19 -14.25
C ILE B 372 -9.77 -3.64 -14.04
N ASN B 373 -10.74 -4.53 -13.78
CA ASN B 373 -10.40 -5.92 -13.51
C ASN B 373 -9.74 -6.58 -14.71
N LEU B 374 -10.27 -6.34 -15.91
CA LEU B 374 -9.74 -6.99 -17.11
C LEU B 374 -8.31 -6.56 -17.42
N ILE B 375 -7.98 -5.30 -17.21
CA ILE B 375 -6.63 -4.85 -17.56
C ILE B 375 -5.63 -5.34 -16.52
N PHE B 376 -5.99 -5.31 -15.24
CA PHE B 376 -5.07 -5.79 -14.23
C PHE B 376 -4.88 -7.29 -14.32
N ASN B 377 -5.93 -8.03 -14.68
CA ASN B 377 -5.76 -9.45 -14.95
C ASN B 377 -4.78 -9.65 -16.09
N ALA B 378 -4.91 -8.83 -17.13
CA ALA B 378 -4.02 -8.92 -18.29
C ALA B 378 -2.59 -8.50 -17.94
N VAL B 379 -2.44 -7.47 -17.11
CA VAL B 379 -1.11 -7.10 -16.64
C VAL B 379 -0.50 -8.25 -15.85
N ALA B 380 -1.27 -8.79 -14.91
CA ALA B 380 -0.79 -9.92 -14.13
C ALA B 380 -0.40 -11.09 -15.03
N ASP B 381 -1.12 -11.30 -16.13
CA ASP B 381 -0.84 -12.44 -16.99
C ASP B 381 0.43 -12.23 -17.80
N HIS B 382 0.70 -10.99 -18.23
CA HIS B 382 1.70 -10.76 -19.25
C HIS B 382 2.96 -10.06 -18.75
N MET B 383 2.89 -9.32 -17.64
CA MET B 383 4.05 -8.63 -17.10
CA MET B 383 4.06 -8.63 -17.09
C MET B 383 4.00 -8.65 -15.57
N PRO B 384 4.04 -9.84 -14.98
CA PRO B 384 3.93 -9.93 -13.52
C PRO B 384 5.06 -9.27 -12.77
N ASP B 385 6.20 -9.00 -13.41
CA ASP B 385 7.39 -8.46 -12.75
C ASP B 385 7.63 -6.98 -13.05
N LEU B 386 6.65 -6.29 -13.60
CA LEU B 386 6.86 -4.90 -13.96
C LEU B 386 7.24 -4.07 -12.73
N LYS B 387 8.10 -3.08 -12.94
CA LYS B 387 8.57 -2.20 -11.88
C LYS B 387 8.71 -0.81 -12.49
N PRO B 388 8.37 0.24 -11.74
CA PRO B 388 8.47 1.59 -12.33
C PRO B 388 9.91 1.99 -12.57
N ILE B 389 10.10 2.86 -13.55
CA ILE B 389 11.41 3.45 -13.83
C ILE B 389 11.57 4.79 -13.13
N SER B 390 10.58 5.67 -13.23
CA SER B 390 10.71 7.02 -12.68
C SER B 390 9.36 7.50 -12.16
N ALA B 391 9.39 8.63 -11.44
CA ALA B 391 8.20 9.16 -10.80
C ALA B 391 7.13 9.51 -11.84
N PRO B 392 5.86 9.39 -11.48
CA PRO B 392 4.79 9.81 -12.39
C PRO B 392 4.74 11.34 -12.50
N GLU B 393 4.23 11.80 -13.65
CA GLU B 393 3.96 13.21 -13.88
CA GLU B 393 3.97 13.21 -13.87
C GLU B 393 2.48 13.46 -13.70
N ARG B 394 2.13 14.29 -12.72
CA ARG B 394 0.75 14.56 -12.36
C ARG B 394 0.16 15.64 -13.28
N LEU B 395 -1.17 15.70 -13.28
CA LEU B 395 -1.92 16.61 -14.14
C LEU B 395 -2.30 17.86 -13.35
N ARG B 396 -2.09 19.02 -13.95
CA ARG B 396 -2.58 20.27 -13.38
C ARG B 396 -4.09 20.35 -13.57
N SER B 397 -4.84 20.17 -12.48
CA SER B 397 -6.29 20.26 -12.54
C SER B 397 -6.79 20.58 -11.14
N GLY B 398 -7.87 21.34 -11.08
CA GLY B 398 -8.42 21.66 -9.78
C GLY B 398 -9.34 20.63 -9.16
N TRP B 399 -9.65 19.54 -9.86
CA TRP B 399 -10.69 18.63 -9.41
C TRP B 399 -10.46 17.21 -9.94
N LEU B 400 -9.78 17.08 -11.06
CA LEU B 400 -9.40 15.76 -11.58
CA LEU B 400 -9.40 15.76 -11.57
C LEU B 400 -8.05 15.36 -11.02
N ASN B 401 -7.93 14.10 -10.64
CA ASN B 401 -6.69 13.53 -10.12
C ASN B 401 -6.06 12.69 -11.23
N GLY B 402 -5.14 13.28 -11.97
CA GLY B 402 -4.64 12.68 -13.20
C GLY B 402 -3.15 12.41 -13.18
N ILE B 403 -2.76 11.33 -13.88
CA ILE B 403 -1.37 11.00 -14.15
C ILE B 403 -1.17 11.07 -15.65
N LYS B 404 -0.32 12.01 -16.09
CA LYS B 404 -0.12 12.18 -17.51
C LYS B 404 0.83 11.14 -18.08
N HIS B 405 1.92 10.86 -17.38
CA HIS B 405 2.96 9.97 -17.86
C HIS B 405 3.60 9.24 -16.68
N TRP B 406 4.03 7.99 -16.93
CA TRP B 406 4.64 7.16 -15.90
C TRP B 406 5.48 6.09 -16.61
N GLN B 407 6.80 6.21 -16.53
CA GLN B 407 7.70 5.30 -17.21
C GLN B 407 7.85 4.02 -16.39
N VAL B 408 7.64 2.88 -17.04
CA VAL B 408 7.62 1.59 -16.37
C VAL B 408 8.44 0.59 -17.18
N ASP B 409 9.10 -0.33 -16.46
CA ASP B 409 9.84 -1.44 -17.06
C ASP B 409 8.97 -2.70 -16.91
N TYR B 410 8.43 -3.17 -18.03
CA TYR B 410 7.45 -4.25 -17.98
C TYR B 410 8.04 -5.61 -17.70
N THR B 411 9.32 -5.81 -17.98
CA THR B 411 9.93 -7.11 -17.80
C THR B 411 10.64 -7.28 -16.46
N GLY B 412 10.97 -6.16 -15.80
CA GLY B 412 11.65 -6.22 -14.51
C GLY B 412 13.15 -6.28 -14.65
N SER C 4 0.62 11.69 19.85
CA SER C 4 0.63 11.01 18.57
C SER C 4 0.31 11.99 17.45
N PRO C 5 1.30 12.32 16.62
CA PRO C 5 1.02 13.19 15.45
C PRO C 5 0.12 12.48 14.45
N ASN C 6 -0.75 13.27 13.81
CA ASN C 6 -1.69 12.75 12.81
C ASN C 6 -0.98 12.55 11.47
N LEU C 7 -0.18 11.48 11.43
CA LEU C 7 0.58 11.07 10.25
C LEU C 7 0.18 9.65 9.84
N PRO C 8 0.33 9.30 8.56
CA PRO C 8 0.08 7.91 8.16
C PRO C 8 1.05 6.99 8.87
N PRO C 9 0.61 5.78 9.27
CA PRO C 9 1.55 4.84 9.90
C PRO C 9 2.75 4.60 9.00
N GLY C 10 3.93 4.62 9.59
CA GLY C 10 5.16 4.30 8.88
C GLY C 10 5.81 5.46 8.16
N PHE C 11 5.25 6.66 8.24
CA PHE C 11 5.82 7.82 7.56
C PHE C 11 7.27 8.05 7.99
N ASP C 12 8.16 8.19 7.00
CA ASP C 12 9.59 8.45 7.24
C ASP C 12 9.98 9.75 6.54
N PHE C 13 10.35 10.76 7.34
CA PHE C 13 10.67 12.08 6.80
C PHE C 13 11.97 12.13 6.00
N THR C 14 12.75 11.05 5.99
CA THR C 14 13.92 10.96 5.11
C THR C 14 13.65 10.12 3.86
N ASP C 15 12.41 9.69 3.65
CA ASP C 15 12.08 8.87 2.48
C ASP C 15 12.33 9.67 1.20
N PRO C 16 13.26 9.25 0.34
CA PRO C 16 13.50 10.00 -0.89
C PRO C 16 12.28 10.04 -1.80
N ALA C 17 11.38 9.05 -1.71
CA ALA C 17 10.19 9.04 -2.55
C ALA C 17 9.32 10.26 -2.30
N ILE C 18 9.30 10.75 -1.06
CA ILE C 18 8.54 11.96 -0.74
C ILE C 18 9.09 13.15 -1.52
N TYR C 19 10.41 13.35 -1.42
CA TYR C 19 11.03 14.54 -1.98
C TYR C 19 11.09 14.51 -3.49
N ALA C 20 11.06 13.33 -4.11
CA ALA C 20 10.90 13.29 -5.58
C ALA C 20 9.59 13.94 -6.01
N GLU C 21 8.61 14.01 -5.11
CA GLU C 21 7.28 14.51 -5.41
C GLU C 21 7.05 15.92 -4.86
N ARG C 22 7.42 16.12 -3.59
CA ARG C 22 7.00 17.31 -2.86
C ARG C 22 7.88 17.49 -1.64
N LEU C 23 7.83 18.71 -1.09
CA LEU C 23 8.32 18.90 0.26
C LEU C 23 7.18 18.63 1.24
N PRO C 24 7.38 17.82 2.27
CA PRO C 24 6.28 17.47 3.18
C PRO C 24 5.95 18.58 4.18
N VAL C 25 5.54 19.73 3.65
CA VAL C 25 5.32 20.92 4.48
C VAL C 25 4.28 20.63 5.56
N ALA C 26 3.11 20.13 5.15
CA ALA C 26 2.03 19.92 6.10
C ALA C 26 2.42 18.91 7.17
N GLU C 27 3.12 17.84 6.78
CA GLU C 27 3.54 16.84 7.76
C GLU C 27 4.54 17.44 8.76
N PHE C 28 5.47 18.28 8.27
CA PHE C 28 6.36 18.98 9.19
C PHE C 28 5.56 19.86 10.14
N ALA C 29 4.55 20.57 9.60
CA ALA C 29 3.74 21.43 10.46
C ALA C 29 3.02 20.62 11.53
N GLU C 30 2.54 19.42 11.17
CA GLU C 30 1.82 18.61 12.15
C GLU C 30 2.73 18.21 13.29
N LEU C 31 3.99 17.87 13.00
CA LEU C 31 4.93 17.58 14.08
C LEU C 31 5.16 18.80 14.96
N ARG C 32 5.44 19.96 14.34
CA ARG C 32 5.68 21.15 15.14
C ARG C 32 4.50 21.43 16.06
N SER C 33 3.29 21.07 15.62
CA SER C 33 2.11 21.37 16.41
C SER C 33 1.82 20.33 17.48
N ALA C 34 2.14 19.06 17.23
CA ALA C 34 1.72 17.97 18.09
C ALA C 34 2.87 17.16 18.68
N ALA C 35 4.01 17.08 18.00
CA ALA C 35 5.15 16.31 18.48
C ALA C 35 6.42 16.93 17.93
N PRO C 36 6.86 18.06 18.50
CA PRO C 36 8.00 18.79 17.90
C PRO C 36 9.26 17.96 17.84
N ILE C 37 9.47 17.05 18.79
CA ILE C 37 10.52 16.06 18.75
C ILE C 37 9.83 14.71 18.73
N TRP C 38 10.00 13.97 17.64
CA TRP C 38 9.22 12.76 17.39
C TRP C 38 10.13 11.65 16.91
N TRP C 39 9.99 10.47 17.53
CA TRP C 39 10.77 9.32 17.10
C TRP C 39 10.27 8.87 15.72
N ASN C 40 11.16 8.89 14.74
CA ASN C 40 10.86 8.51 13.36
C ASN C 40 11.39 7.08 13.18
N GLY C 41 10.52 6.11 13.41
CA GLY C 41 10.93 4.73 13.31
C GLY C 41 11.16 4.30 11.86
N GLN C 42 12.18 3.46 11.68
CA GLN C 42 12.56 2.95 10.37
C GLN C 42 12.67 1.44 10.43
N ASP C 43 11.97 0.77 9.51
CA ASP C 43 11.98 -0.69 9.46
C ASP C 43 13.37 -1.21 9.10
N PRO C 44 13.62 -2.50 9.38
CA PRO C 44 14.92 -3.08 9.03
C PRO C 44 15.19 -2.97 7.53
N GLY C 45 16.42 -2.58 7.20
CA GLY C 45 16.80 -2.44 5.80
C GLY C 45 16.21 -1.25 5.09
N LYS C 46 15.55 -0.34 5.82
CA LYS C 46 14.92 0.85 5.25
C LYS C 46 15.41 2.12 5.96
N GLY C 47 16.64 2.09 6.44
CA GLY C 47 17.18 3.20 7.19
C GLY C 47 18.19 4.04 6.42
N GLY C 48 18.16 3.94 5.09
CA GLY C 48 19.08 4.72 4.28
C GLY C 48 20.54 4.53 4.63
N GLY C 49 20.95 3.29 4.94
CA GLY C 49 22.32 2.99 5.30
C GLY C 49 22.58 2.90 6.78
N PHE C 50 21.63 3.33 7.60
CA PHE C 50 21.73 3.24 9.05
C PHE C 50 20.79 2.16 9.56
N HIS C 51 21.24 1.44 10.58
CA HIS C 51 20.55 0.25 11.04
C HIS C 51 20.30 0.32 12.54
N ASP C 52 19.89 1.50 13.02
CA ASP C 52 19.65 1.74 14.44
C ASP C 52 18.16 1.83 14.78
N GLY C 53 17.27 1.51 13.84
CA GLY C 53 15.85 1.52 14.10
C GLY C 53 15.15 2.85 13.91
N GLY C 54 15.88 3.95 13.72
CA GLY C 54 15.28 5.24 13.40
C GLY C 54 16.08 6.37 14.02
N PHE C 55 15.43 7.51 14.15
CA PHE C 55 16.08 8.74 14.56
C PHE C 55 15.01 9.66 15.14
N TRP C 56 15.48 10.68 15.86
CA TRP C 56 14.61 11.70 16.41
C TRP C 56 14.44 12.80 15.35
N ALA C 57 13.20 13.01 14.91
CA ALA C 57 12.89 14.14 14.04
C ALA C 57 12.91 15.43 14.84
N ILE C 58 13.76 16.39 14.43
CA ILE C 58 13.88 17.70 15.07
C ILE C 58 13.25 18.74 14.14
N THR C 59 12.19 19.40 14.60
CA THR C 59 11.36 20.24 13.75
C THR C 59 11.33 21.70 14.14
N LYS C 60 11.73 22.05 15.36
CA LYS C 60 11.69 23.43 15.83
C LYS C 60 13.06 24.08 15.70
N LEU C 61 13.05 25.39 15.42
CA LEU C 61 14.30 26.07 15.11
C LEU C 61 15.20 26.16 16.32
N ASN C 62 14.63 26.51 17.48
CA ASN C 62 15.43 26.59 18.71
C ASN C 62 16.12 25.26 19.00
N ASP C 63 15.42 24.14 18.76
CA ASP C 63 16.03 22.83 18.97
C ASP C 63 17.14 22.56 17.97
N VAL C 64 16.92 22.90 16.69
CA VAL C 64 18.00 22.79 15.71
C VAL C 64 19.22 23.57 16.15
N LYS C 65 19.01 24.81 16.61
CA LYS C 65 20.14 25.63 17.04
C LYS C 65 20.79 25.08 18.31
N GLU C 66 19.99 24.58 19.25
CA GLU C 66 20.56 24.00 20.46
C GLU C 66 21.45 22.81 20.13
N ILE C 67 20.99 21.92 19.23
CA ILE C 67 21.81 20.78 18.83
C ILE C 67 23.09 21.28 18.15
N SER C 68 22.98 22.28 17.28
CA SER C 68 24.14 22.74 16.54
C SER C 68 25.19 23.37 17.46
N ARG C 69 24.75 24.00 18.55
CA ARG C 69 25.71 24.65 19.44
C ARG C 69 26.48 23.61 20.25
N HIS C 70 25.82 22.56 20.71
CA HIS C 70 26.45 21.56 21.58
C HIS C 70 27.09 20.47 20.72
N SER C 71 28.13 20.89 19.98
CA SER C 71 28.87 19.94 19.16
C SER C 71 29.54 18.87 20.02
N ASP C 72 29.98 19.24 21.22
CA ASP C 72 30.61 18.26 22.11
C ASP C 72 29.68 17.09 22.42
N VAL C 73 28.37 17.33 22.44
CA VAL C 73 27.41 16.25 22.69
C VAL C 73 26.93 15.62 21.39
N PHE C 74 26.60 16.44 20.41
CA PHE C 74 25.96 15.99 19.17
C PHE C 74 27.01 15.97 18.07
N SER C 75 27.45 14.77 17.71
CA SER C 75 28.62 14.58 16.86
C SER C 75 28.28 14.45 15.39
N SER C 76 29.12 15.04 14.55
CA SER C 76 29.05 14.83 13.12
C SER C 76 29.83 13.60 12.68
N TYR C 77 30.85 13.20 13.44
CA TYR C 77 31.81 12.18 13.00
C TYR C 77 31.25 10.78 13.11
N GLU C 78 30.45 10.51 14.14
CA GLU C 78 30.08 9.13 14.46
C GLU C 78 29.32 8.47 13.30
N ASN C 79 28.43 9.22 12.65
CA ASN C 79 27.67 8.68 11.54
C ASN C 79 27.59 9.64 10.36
N GLY C 80 28.40 10.70 10.34
CA GLY C 80 28.29 11.72 9.32
C GLY C 80 27.02 12.52 9.51
N VAL C 81 26.85 13.54 8.67
CA VAL C 81 25.70 14.44 8.79
C VAL C 81 24.65 14.18 7.72
N ILE C 82 24.94 13.34 6.72
CA ILE C 82 23.94 13.01 5.71
C ILE C 82 23.01 11.96 6.29
N PRO C 83 21.71 12.20 6.37
CA PRO C 83 20.82 11.26 7.07
C PRO C 83 20.26 10.14 6.21
N ARG C 84 20.57 10.08 4.92
CA ARG C 84 19.96 9.08 4.04
C ARG C 84 20.88 8.80 2.86
N PHE C 85 21.24 7.54 2.70
CA PHE C 85 21.88 7.02 1.51
C PHE C 85 20.99 5.92 0.92
N LYS C 86 21.48 5.28 -0.14
CA LYS C 86 20.84 4.07 -0.63
C LYS C 86 20.77 3.04 0.50
N ASN C 87 19.68 2.29 0.54
CA ASN C 87 19.46 1.39 1.67
C ASN C 87 20.56 0.36 1.82
N ASP C 88 21.19 -0.06 0.72
CA ASP C 88 22.18 -1.12 0.73
C ASP C 88 23.62 -0.61 0.69
N ILE C 89 23.86 0.63 1.11
CA ILE C 89 25.22 1.16 1.09
C ILE C 89 26.03 0.49 2.20
N ALA C 90 27.26 0.11 1.86
CA ALA C 90 28.16 -0.47 2.85
C ALA C 90 28.58 0.58 3.88
N ARG C 91 28.84 0.11 5.10
CA ARG C 91 29.16 1.04 6.19
C ARG C 91 30.41 1.84 5.86
N GLU C 92 31.41 1.22 5.26
CA GLU C 92 32.66 1.92 4.98
C GLU C 92 32.44 3.12 4.05
N ASP C 93 31.46 3.03 3.14
CA ASP C 93 31.20 4.14 2.25
C ASP C 93 30.55 5.31 2.97
N ILE C 94 29.84 5.05 4.06
CA ILE C 94 29.39 6.14 4.92
C ILE C 94 30.59 6.76 5.61
N GLU C 95 31.51 5.92 6.11
CA GLU C 95 32.61 6.38 6.93
C GLU C 95 33.69 7.11 6.13
N VAL C 96 33.79 6.86 4.83
CA VAL C 96 34.76 7.60 4.03
C VAL C 96 34.43 9.08 4.03
N GLN C 97 33.19 9.44 4.36
CA GLN C 97 32.80 10.85 4.42
C GLN C 97 33.45 11.58 5.59
N ARG C 98 34.03 10.86 6.56
CA ARG C 98 34.74 11.52 7.64
C ARG C 98 36.01 12.21 7.16
N PHE C 99 36.40 12.01 5.90
CA PHE C 99 37.63 12.62 5.40
C PHE C 99 37.48 14.11 5.16
N VAL C 100 36.25 14.61 5.09
CA VAL C 100 35.99 16.04 4.89
C VAL C 100 35.61 16.64 6.23
N MET C 101 35.88 17.93 6.39
CA MET C 101 35.71 18.54 7.69
CA MET C 101 35.70 18.63 7.66
C MET C 101 34.24 18.63 8.10
N LEU C 102 33.31 18.51 7.16
CA LEU C 102 31.89 18.53 7.52
C LEU C 102 31.55 17.42 8.50
N ASN C 103 32.27 16.30 8.42
CA ASN C 103 31.97 15.13 9.22
C ASN C 103 33.07 14.83 10.23
N MET C 104 33.79 15.84 10.69
CA MET C 104 34.74 15.67 11.77
C MET C 104 34.27 16.43 13.00
N ASP C 105 34.82 16.03 14.15
CA ASP C 105 34.59 16.72 15.42
C ASP C 105 35.90 17.35 15.91
N ALA C 106 35.77 18.22 16.91
CA ALA C 106 36.97 18.71 17.58
C ALA C 106 37.81 17.53 18.09
N PRO C 107 39.14 17.68 18.17
CA PRO C 107 39.90 18.87 17.76
C PRO C 107 40.30 18.85 16.28
N HIS C 108 40.19 17.69 15.63
CA HIS C 108 40.54 17.59 14.22
CA HIS C 108 40.54 17.58 14.21
C HIS C 108 39.80 18.62 13.38
N HIS C 109 38.49 18.76 13.61
CA HIS C 109 37.71 19.77 12.89
C HIS C 109 38.25 21.16 13.17
N THR C 110 38.56 21.46 14.44
CA THR C 110 38.92 22.83 14.80
C THR C 110 40.10 23.36 13.98
N ARG C 111 41.11 22.52 13.78
CA ARG C 111 42.29 22.95 13.03
C ARG C 111 41.93 23.25 11.58
N LEU C 112 41.29 22.31 10.91
CA LEU C 112 40.95 22.51 9.51
C LEU C 112 40.08 23.74 9.32
N ARG C 113 39.06 23.90 10.18
CA ARG C 113 38.21 25.07 10.09
C ARG C 113 39.04 26.35 10.17
N LYS C 114 40.04 26.36 11.04
CA LYS C 114 40.86 27.57 11.19
C LYS C 114 41.62 27.87 9.92
N ILE C 115 42.19 26.84 9.28
CA ILE C 115 42.96 27.05 8.07
C ILE C 115 42.05 27.40 6.90
N ILE C 116 40.99 26.62 6.71
CA ILE C 116 40.12 26.80 5.56
C ILE C 116 39.46 28.18 5.60
N SER C 117 39.17 28.68 6.80
CA SER C 117 38.39 29.91 6.92
C SER C 117 39.07 31.10 6.24
N ARG C 118 40.39 31.03 6.02
CA ARG C 118 41.08 32.13 5.35
C ARG C 118 40.62 32.30 3.92
N GLY C 119 40.11 31.25 3.29
CA GLY C 119 39.64 31.30 1.93
C GLY C 119 38.25 31.83 1.74
N PHE C 120 37.52 32.13 2.83
CA PHE C 120 36.12 32.53 2.72
C PHE C 120 35.83 33.81 3.50
N THR C 121 36.85 34.62 3.80
CA THR C 121 36.64 35.90 4.45
C THR C 121 35.85 36.81 3.53
N PRO C 122 35.13 37.79 4.10
CA PRO C 122 34.49 38.82 3.26
C PRO C 122 35.39 39.29 2.11
N ARG C 123 36.68 39.49 2.40
CA ARG C 123 37.59 39.98 1.38
C ARG C 123 37.84 38.93 0.30
N ALA C 124 38.16 37.70 0.72
CA ALA C 124 38.41 36.65 -0.26
C ALA C 124 37.21 36.45 -1.17
N VAL C 125 36.00 36.55 -0.59
CA VAL C 125 34.80 36.40 -1.39
C VAL C 125 34.58 37.65 -2.24
N GLY C 126 34.87 38.83 -1.69
CA GLY C 126 34.69 40.05 -2.46
C GLY C 126 35.55 40.09 -3.71
N ARG C 127 36.74 39.48 -3.65
CA ARG C 127 37.63 39.47 -4.81
C ARG C 127 37.00 38.75 -6.01
N LEU C 128 36.09 37.81 -5.76
CA LEU C 128 35.40 37.12 -6.84
C LEU C 128 34.27 37.94 -7.42
N HIS C 129 33.91 39.06 -6.80
CA HIS C 129 32.70 39.79 -7.19
C HIS C 129 32.68 40.14 -8.67
N ASP C 130 33.74 40.81 -9.15
CA ASP C 130 33.73 41.31 -10.52
C ASP C 130 33.55 40.19 -11.54
N GLU C 131 34.40 39.16 -11.48
CA GLU C 131 34.32 38.08 -12.47
C GLU C 131 32.97 37.37 -12.40
N LEU C 132 32.43 37.20 -11.19
CA LEU C 132 31.14 36.52 -11.08
C LEU C 132 30.00 37.41 -11.57
N GLN C 133 30.11 38.72 -11.34
CA GLN C 133 29.11 39.65 -11.86
C GLN C 133 29.04 39.62 -13.39
N GLU C 134 30.18 39.82 -14.07
CA GLU C 134 30.12 39.83 -15.53
C GLU C 134 29.65 38.48 -16.07
N ARG C 135 30.05 37.38 -15.44
CA ARG C 135 29.56 36.08 -15.87
C ARG C 135 28.06 35.97 -15.64
N ALA C 136 27.57 36.41 -14.47
CA ALA C 136 26.14 36.40 -14.21
C ALA C 136 25.38 37.17 -15.29
N GLN C 137 25.86 38.37 -15.63
CA GLN C 137 25.22 39.15 -16.68
C GLN C 137 25.25 38.41 -18.00
N LYS C 138 26.38 37.78 -18.31
CA LYS C 138 26.50 37.00 -19.54
C LYS C 138 25.54 35.83 -19.55
N ILE C 139 25.42 35.13 -18.41
CA ILE C 139 24.48 34.01 -18.33
C ILE C 139 23.05 34.48 -18.57
N ALA C 140 22.67 35.58 -17.91
CA ALA C 140 21.30 36.05 -18.03
C ALA C 140 20.99 36.53 -19.44
N ALA C 141 21.95 37.20 -20.08
CA ALA C 141 21.75 37.66 -21.44
C ALA C 141 21.56 36.49 -22.40
N GLU C 142 22.39 35.45 -22.28
CA GLU C 142 22.26 34.31 -23.17
C GLU C 142 20.92 33.60 -22.95
N ALA C 143 20.46 33.51 -21.70
CA ALA C 143 19.18 32.88 -21.45
C ALA C 143 18.05 33.69 -22.06
N ALA C 144 18.08 35.01 -21.86
CA ALA C 144 17.10 35.89 -22.50
C ALA C 144 17.06 35.67 -24.00
N ALA C 145 18.25 35.66 -24.64
CA ALA C 145 18.29 35.50 -26.09
C ALA C 145 17.73 34.16 -26.53
N ALA C 146 17.86 33.12 -25.70
CA ALA C 146 17.28 31.83 -26.05
C ALA C 146 15.77 31.86 -26.08
N GLY C 147 15.15 32.79 -25.35
CA GLY C 147 13.71 32.92 -25.38
C GLY C 147 13.00 32.12 -24.33
N SER C 148 13.25 30.81 -24.32
CA SER C 148 12.70 29.88 -23.34
C SER C 148 13.67 28.72 -23.16
N GLY C 149 13.48 27.96 -22.09
CA GLY C 149 14.31 26.79 -21.86
C GLY C 149 14.28 26.35 -20.40
N ASP C 150 15.22 25.48 -20.08
CA ASP C 150 15.34 24.88 -18.75
C ASP C 150 16.09 25.85 -17.85
N PHE C 151 15.35 26.54 -16.97
CA PHE C 151 15.96 27.53 -16.08
C PHE C 151 17.10 26.93 -15.27
N VAL C 152 16.96 25.66 -14.86
CA VAL C 152 17.98 25.04 -14.02
C VAL C 152 19.32 24.99 -14.76
N GLU C 153 19.29 24.57 -16.02
CA GLU C 153 20.53 24.45 -16.77
CA GLU C 153 20.52 24.44 -16.79
C GLU C 153 20.99 25.80 -17.31
N GLN C 154 20.07 26.64 -17.75
CA GLN C 154 20.46 27.88 -18.42
C GLN C 154 20.72 29.05 -17.47
N VAL C 155 20.29 28.97 -16.22
CA VAL C 155 20.44 30.12 -15.33
C VAL C 155 21.02 29.73 -13.97
N SER C 156 20.62 28.59 -13.43
CA SER C 156 21.00 28.27 -12.06
C SER C 156 22.34 27.54 -11.96
N CYS C 157 22.69 26.73 -12.97
CA CYS C 157 23.75 25.74 -12.82
C CYS C 157 25.14 26.35 -12.83
N GLU C 158 25.41 27.29 -13.74
CA GLU C 158 26.80 27.59 -14.05
C GLU C 158 27.47 28.48 -13.00
N LEU C 159 26.78 29.47 -12.47
CA LEU C 159 27.46 30.48 -11.67
C LEU C 159 28.00 29.86 -10.39
N PRO C 160 27.25 29.02 -9.66
CA PRO C 160 27.85 28.34 -8.50
C PRO C 160 29.11 27.59 -8.84
N LEU C 161 29.16 26.97 -10.02
CA LEU C 161 30.37 26.25 -10.43
C LEU C 161 31.51 27.21 -10.78
N GLN C 162 31.19 28.37 -11.38
CA GLN C 162 32.24 29.34 -11.66
C GLN C 162 32.75 29.98 -10.38
N ALA C 163 31.91 30.06 -9.33
CA ALA C 163 32.37 30.60 -8.06
C ALA C 163 33.38 29.65 -7.41
N ILE C 164 33.11 28.35 -7.50
CA ILE C 164 34.07 27.35 -7.01
C ILE C 164 35.36 27.42 -7.80
N ALA C 165 35.26 27.47 -9.12
CA ALA C 165 36.45 27.47 -9.96
C ALA C 165 37.29 28.70 -9.72
N GLY C 166 36.66 29.86 -9.51
CA GLY C 166 37.42 31.07 -9.32
C GLY C 166 38.08 31.13 -7.95
N LEU C 167 37.40 30.59 -6.93
CA LEU C 167 37.99 30.54 -5.61
C LEU C 167 39.25 29.68 -5.62
N LEU C 168 39.21 28.57 -6.34
CA LEU C 168 40.37 27.69 -6.43
C LEU C 168 41.39 28.12 -7.47
N GLY C 169 41.02 29.02 -8.38
CA GLY C 169 41.95 29.43 -9.42
C GLY C 169 42.14 28.40 -10.52
N VAL C 170 41.10 27.62 -10.82
CA VAL C 170 41.17 26.61 -11.87
C VAL C 170 41.31 27.30 -13.22
N PRO C 171 42.34 27.00 -14.01
CA PRO C 171 42.42 27.61 -15.34
C PRO C 171 41.20 27.26 -16.18
N GLN C 172 40.90 28.12 -17.16
CA GLN C 172 39.66 27.96 -17.90
C GLN C 172 39.61 26.63 -18.65
N GLU C 173 40.73 26.15 -19.16
CA GLU C 173 40.70 24.92 -19.94
C GLU C 173 40.38 23.69 -19.10
N ASP C 174 40.50 23.78 -17.77
CA ASP C 174 40.20 22.68 -16.87
C ASP C 174 38.82 22.75 -16.24
N ARG C 175 38.08 23.85 -16.43
CA ARG C 175 36.81 23.99 -15.71
C ARG C 175 35.78 23.00 -16.22
N GLY C 176 35.84 22.63 -17.50
CA GLY C 176 34.90 21.63 -18.01
C GLY C 176 34.95 20.34 -17.22
N LYS C 177 36.15 19.78 -17.07
CA LYS C 177 36.26 18.51 -16.34
C LYS C 177 36.02 18.72 -14.85
N LEU C 178 36.41 19.86 -14.29
CA LEU C 178 36.06 20.16 -12.90
C LEU C 178 34.55 20.13 -12.70
N PHE C 179 33.82 20.84 -13.56
CA PHE C 179 32.37 20.84 -13.44
C PHE C 179 31.80 19.46 -13.64
N HIS C 180 32.38 18.68 -14.55
CA HIS C 180 31.86 17.34 -14.80
C HIS C 180 31.98 16.46 -13.55
N TRP C 181 33.19 16.32 -13.03
CA TRP C 181 33.38 15.52 -11.83
C TRP C 181 32.49 16.04 -10.70
N SER C 182 32.40 17.36 -10.53
CA SER C 182 31.52 17.90 -9.51
CA SER C 182 31.52 17.89 -9.51
C SER C 182 30.08 17.44 -9.72
N ASN C 183 29.59 17.51 -10.95
CA ASN C 183 28.21 17.08 -11.20
C ASN C 183 28.06 15.57 -11.14
N GLU C 184 29.11 14.82 -11.48
CA GLU C 184 29.13 13.36 -11.36
C GLU C 184 29.06 12.89 -9.90
N MET C 185 28.89 13.80 -8.95
CA MET C 185 28.70 13.45 -7.54
CA MET C 185 28.69 13.44 -7.55
C MET C 185 27.35 13.95 -7.03
N THR C 186 26.38 14.11 -7.95
CA THR C 186 25.07 14.65 -7.61
C THR C 186 23.97 13.78 -8.22
N GLY C 187 22.79 13.84 -7.57
CA GLY C 187 21.59 13.21 -8.11
C GLY C 187 21.68 11.71 -8.23
N ASN C 188 22.50 11.07 -7.40
CA ASN C 188 22.84 9.67 -7.60
C ASN C 188 21.80 8.71 -7.07
N GLU C 189 20.79 9.20 -6.35
CA GLU C 189 19.65 8.40 -5.95
C GLU C 189 18.40 8.72 -6.77
N ASP C 190 18.53 9.51 -7.84
CA ASP C 190 17.43 9.82 -8.72
C ASP C 190 17.56 9.01 -10.01
N PRO C 191 16.46 8.44 -10.52
CA PRO C 191 16.57 7.57 -11.70
C PRO C 191 17.21 8.24 -12.89
N GLU C 192 17.09 9.56 -13.02
CA GLU C 192 17.70 10.25 -14.15
C GLU C 192 19.23 10.16 -14.12
N TYR C 193 19.82 10.03 -12.94
CA TYR C 193 21.27 9.97 -12.79
C TYR C 193 21.73 8.70 -12.07
N ALA C 194 21.07 7.58 -12.34
N ALA C 194 21.09 7.57 -12.36
CA ALA C 194 21.52 6.31 -11.78
CA ALA C 194 21.64 6.30 -11.91
C ALA C 194 22.86 5.89 -12.38
C ALA C 194 22.95 5.95 -12.61
N HIS C 195 23.26 6.47 -13.50
N HIS C 195 23.41 6.80 -13.52
CA HIS C 195 24.50 6.11 -14.18
CA HIS C 195 24.60 6.50 -14.31
C HIS C 195 25.71 6.70 -13.51
C HIS C 195 25.87 6.89 -13.56
N ILE C 196 25.61 7.94 -13.04
N ILE C 196 26.86 6.00 -13.61
CA ILE C 196 26.76 8.65 -12.50
CA ILE C 196 28.18 6.25 -13.04
C ILE C 196 27.37 7.83 -11.35
C ILE C 196 28.07 6.39 -11.53
N ASP C 197 28.71 7.75 -11.35
N ASP C 197 29.22 6.29 -10.84
CA ASP C 197 29.46 7.02 -10.33
CA ASP C 197 29.28 6.40 -9.39
C ASP C 197 30.25 8.01 -9.47
C ASP C 197 30.03 7.66 -8.99
N PRO C 198 29.83 8.27 -8.23
N PRO C 198 29.74 8.23 -7.82
CA PRO C 198 30.53 9.29 -7.44
CA PRO C 198 30.54 9.36 -7.35
C PRO C 198 31.98 8.93 -7.13
C PRO C 198 31.97 8.98 -7.01
N LYS C 199 32.19 7.77 -6.51
CA LYS C 199 33.53 7.38 -6.06
C LYS C 199 34.58 7.58 -7.13
N ALA C 200 34.28 7.18 -8.37
CA ALA C 200 35.24 7.33 -9.45
C ALA C 200 35.64 8.79 -9.62
N SER C 201 34.65 9.69 -9.62
CA SER C 201 34.95 11.10 -9.83
C SER C 201 35.60 11.74 -8.62
N SER C 202 35.23 11.31 -7.41
CA SER C 202 35.93 11.79 -6.22
C SER C 202 37.43 11.53 -6.34
N ALA C 203 37.80 10.34 -6.84
CA ALA C 203 39.21 10.07 -7.09
C ALA C 203 39.77 11.01 -8.14
N GLU C 204 38.99 11.32 -9.18
CA GLU C 204 39.47 12.23 -10.22
C GLU C 204 39.66 13.64 -9.66
N LEU C 205 38.71 14.12 -8.86
CA LEU C 205 38.88 15.45 -8.26
C LEU C 205 40.12 15.50 -7.39
N ILE C 206 40.28 14.49 -6.52
CA ILE C 206 41.44 14.47 -5.63
C ILE C 206 42.72 14.46 -6.45
N GLY C 207 42.78 13.60 -7.46
CA GLY C 207 43.97 13.56 -8.31
C GLY C 207 44.28 14.91 -8.94
N TYR C 208 43.24 15.61 -9.41
CA TYR C 208 43.47 16.94 -9.98
C TYR C 208 43.96 17.91 -8.92
N ALA C 209 43.39 17.85 -7.71
CA ALA C 209 43.85 18.72 -6.63
C ALA C 209 45.33 18.50 -6.34
N MET C 210 45.80 17.26 -6.42
CA MET C 210 47.22 16.99 -6.19
C MET C 210 48.07 17.68 -7.25
N LYS C 211 47.70 17.53 -8.53
CA LYS C 211 48.41 18.23 -9.58
C LYS C 211 48.35 19.74 -9.37
N MET C 212 47.22 20.23 -8.87
CA MET C 212 47.09 21.67 -8.58
CA MET C 212 47.09 21.66 -8.58
C MET C 212 47.98 22.07 -7.42
N ALA C 213 48.02 21.26 -6.36
CA ALA C 213 48.85 21.60 -5.20
C ALA C 213 50.34 21.45 -5.51
N GLU C 214 50.71 20.36 -6.20
CA GLU C 214 52.10 20.21 -6.61
C GLU C 214 52.52 21.38 -7.49
N GLU C 215 51.64 21.82 -8.39
CA GLU C 215 51.90 22.98 -9.23
C GLU C 215 52.25 24.20 -8.37
N LYS C 216 51.34 24.61 -7.49
CA LYS C 216 51.55 25.79 -6.69
C LYS C 216 52.77 25.66 -5.78
N ALA C 217 53.21 24.43 -5.50
CA ALA C 217 54.40 24.25 -4.67
C ALA C 217 55.64 24.78 -5.38
N LYS C 218 55.78 24.49 -6.69
CA LYS C 218 56.87 25.00 -7.49
C LYS C 218 56.53 26.30 -8.20
N ASN C 219 55.25 26.66 -8.28
CA ASN C 219 54.81 27.91 -8.87
C ASN C 219 53.93 28.66 -7.87
N PRO C 220 54.48 29.05 -6.72
CA PRO C 220 53.70 29.80 -5.74
C PRO C 220 53.07 31.05 -6.35
N ALA C 221 51.92 31.45 -5.81
CA ALA C 221 51.15 32.55 -6.35
C ALA C 221 50.21 33.08 -5.26
N ASP C 222 49.77 34.33 -5.44
CA ASP C 222 48.87 34.97 -4.48
C ASP C 222 47.42 34.59 -4.82
N ASP C 223 47.08 33.35 -4.49
CA ASP C 223 45.73 32.86 -4.65
C ASP C 223 45.39 31.99 -3.43
N ILE C 224 44.25 31.30 -3.51
CA ILE C 224 43.76 30.54 -2.37
C ILE C 224 44.53 29.25 -2.18
N VAL C 225 44.85 28.56 -3.28
CA VAL C 225 45.46 27.24 -3.17
C VAL C 225 46.87 27.36 -2.62
N THR C 226 47.58 28.43 -2.95
CA THR C 226 48.90 28.65 -2.37
C THR C 226 48.80 28.87 -0.88
N GLN C 227 47.88 29.74 -0.45
CA GLN C 227 47.75 30.06 0.96
C GLN C 227 47.43 28.83 1.80
N LEU C 228 46.77 27.84 1.20
CA LEU C 228 46.35 26.66 1.95
C LEU C 228 47.45 25.62 2.06
N ILE C 229 48.32 25.51 1.05
CA ILE C 229 49.44 24.58 1.10
C ILE C 229 50.72 25.24 1.60
N GLN C 230 50.68 26.53 1.90
CA GLN C 230 51.80 27.21 2.53
C GLN C 230 51.64 27.22 4.04
N ALA C 231 52.74 26.95 4.75
CA ALA C 231 52.73 27.10 6.20
C ALA C 231 52.44 28.56 6.54
N ASP C 232 51.47 28.77 7.43
CA ASP C 232 51.14 30.12 7.87
C ASP C 232 52.09 30.58 8.95
N ILE C 233 51.73 31.67 9.66
CA ILE C 233 52.62 32.18 10.70
C ILE C 233 52.64 31.26 11.93
N ASP C 234 51.66 30.39 12.07
CA ASP C 234 51.61 29.43 13.18
C ASP C 234 52.12 28.05 12.81
N GLY C 235 52.69 27.88 11.62
CA GLY C 235 53.11 26.58 11.17
C GLY C 235 52.00 25.67 10.69
N GLU C 236 50.79 26.20 10.51
CA GLU C 236 49.64 25.39 10.12
C GLU C 236 49.53 25.37 8.60
N LYS C 237 49.02 24.25 8.07
CA LYS C 237 48.84 24.08 6.65
C LYS C 237 48.10 22.77 6.41
N LEU C 238 47.35 22.72 5.32
CA LEU C 238 46.74 21.45 4.93
C LEU C 238 47.79 20.53 4.32
N SER C 239 47.74 19.26 4.71
CA SER C 239 48.52 18.26 4.01
C SER C 239 48.01 18.12 2.58
N ASP C 240 48.78 17.41 1.74
CA ASP C 240 48.37 17.23 0.35
C ASP C 240 47.07 16.45 0.27
N ASP C 241 46.89 15.46 1.15
CA ASP C 241 45.62 14.74 1.21
C ASP C 241 44.51 15.65 1.70
N GLU C 242 44.75 16.40 2.78
CA GLU C 242 43.73 17.29 3.30
C GLU C 242 43.30 18.30 2.24
N PHE C 243 44.26 18.77 1.43
CA PHE C 243 43.90 19.65 0.34
C PHE C 243 43.01 18.93 -0.66
N GLY C 244 43.26 17.64 -0.88
CA GLY C 244 42.43 16.87 -1.79
C GLY C 244 40.98 16.84 -1.35
N PHE C 245 40.75 16.55 -0.06
CA PHE C 245 39.39 16.44 0.44
C PHE C 245 38.74 17.81 0.62
N PHE C 246 39.53 18.86 0.84
CA PHE C 246 38.99 20.20 0.77
C PHE C 246 38.40 20.48 -0.61
N VAL C 247 39.17 20.18 -1.66
CA VAL C 247 38.66 20.44 -3.01
C VAL C 247 37.42 19.62 -3.28
N VAL C 248 37.43 18.35 -2.87
CA VAL C 248 36.23 17.53 -3.02
C VAL C 248 35.09 18.10 -2.22
N MET C 249 35.35 18.52 -0.98
CA MET C 249 34.30 19.10 -0.16
CA MET C 249 34.30 19.11 -0.15
C MET C 249 33.72 20.34 -0.84
N LEU C 250 34.58 21.22 -1.32
CA LEU C 250 34.15 22.43 -2.00
C LEU C 250 33.41 22.10 -3.29
N ALA C 251 33.96 21.20 -4.11
CA ALA C 251 33.33 20.85 -5.38
C ALA C 251 31.88 20.40 -5.17
N VAL C 252 31.63 19.66 -4.10
CA VAL C 252 30.27 19.22 -3.82
C VAL C 252 29.47 20.32 -3.14
N ALA C 253 30.05 20.93 -2.11
CA ALA C 253 29.27 21.80 -1.23
C ALA C 253 28.80 23.05 -1.95
N GLY C 254 29.62 23.59 -2.83
CA GLY C 254 29.32 24.87 -3.46
C GLY C 254 28.46 24.79 -4.70
N ASN C 255 28.01 23.59 -5.08
CA ASN C 255 27.37 23.38 -6.37
C ASN C 255 25.85 23.34 -6.24
N GLU C 256 25.30 22.17 -5.88
CA GLU C 256 23.85 21.97 -5.95
C GLU C 256 23.09 22.88 -4.99
N THR C 257 23.62 23.11 -3.78
CA THR C 257 22.84 23.91 -2.82
C THR C 257 22.59 25.31 -3.36
N THR C 258 23.62 25.97 -3.87
CA THR C 258 23.43 27.30 -4.42
C THR C 258 22.54 27.27 -5.66
N ARG C 259 22.82 26.32 -6.56
CA ARG C 259 21.96 26.11 -7.72
C ARG C 259 20.49 26.06 -7.32
N ASN C 260 20.16 25.25 -6.32
CA ASN C 260 18.76 25.07 -5.93
C ASN C 260 18.20 26.29 -5.19
N SER C 261 19.06 27.09 -4.57
CA SER C 261 18.58 28.36 -4.02
CA SER C 261 18.58 28.36 -4.02
C SER C 261 18.15 29.30 -5.14
N ILE C 262 18.87 29.28 -6.26
CA ILE C 262 18.50 30.13 -7.40
C ILE C 262 17.20 29.63 -8.04
N THR C 263 17.11 28.34 -8.33
CA THR C 263 15.89 27.82 -8.95
C THR C 263 14.68 28.12 -8.06
N GLN C 264 14.75 27.76 -6.78
CA GLN C 264 13.59 27.88 -5.92
C GLN C 264 13.32 29.32 -5.51
N GLY C 265 14.34 30.17 -5.51
CA GLY C 265 14.10 31.59 -5.35
C GLY C 265 13.30 32.17 -6.51
N MET C 266 13.60 31.73 -7.73
CA MET C 266 12.85 32.21 -8.88
CA MET C 266 12.83 32.22 -8.86
C MET C 266 11.44 31.63 -8.89
N MET C 267 11.29 30.37 -8.46
CA MET C 267 9.97 29.79 -8.28
C MET C 267 9.17 30.61 -7.28
N ALA C 268 9.81 31.03 -6.20
CA ALA C 268 9.12 31.88 -5.23
C ALA C 268 8.71 33.21 -5.83
N PHE C 269 9.59 33.82 -6.62
CA PHE C 269 9.25 35.08 -7.27
C PHE C 269 8.07 34.92 -8.21
N ALA C 270 8.01 33.79 -8.93
CA ALA C 270 6.93 33.55 -9.88
C ALA C 270 5.60 33.36 -9.18
N GLU C 271 5.61 32.72 -8.01
CA GLU C 271 4.40 32.56 -7.22
CA GLU C 271 4.41 32.56 -7.21
C GLU C 271 4.03 33.84 -6.47
N HIS C 272 4.98 34.76 -6.28
CA HIS C 272 4.75 36.00 -5.54
C HIS C 272 5.18 37.18 -6.40
N PRO C 273 4.41 37.52 -7.44
CA PRO C 273 4.86 38.56 -8.38
C PRO C 273 5.08 39.92 -7.73
N ASP C 274 4.35 40.25 -6.66
CA ASP C 274 4.58 41.52 -5.99
C ASP C 274 6.00 41.58 -5.42
N GLN C 275 6.50 40.47 -4.90
CA GLN C 275 7.87 40.42 -4.43
C GLN C 275 8.86 40.53 -5.58
N TRP C 276 8.52 39.97 -6.75
CA TRP C 276 9.41 40.09 -7.90
C TRP C 276 9.49 41.53 -8.39
N GLU C 277 8.35 42.21 -8.43
CA GLU C 277 8.35 43.62 -8.82
C GLU C 277 9.13 44.45 -7.81
N LEU C 278 8.98 44.15 -6.52
CA LEU C 278 9.75 44.84 -5.49
C LEU C 278 11.24 44.57 -5.65
N TYR C 279 11.61 43.30 -5.86
CA TYR C 279 13.02 42.97 -6.04
C TYR C 279 13.63 43.79 -7.17
N LYS C 280 12.96 43.82 -8.33
CA LYS C 280 13.51 44.53 -9.48
C LYS C 280 13.71 46.00 -9.19
N LYS C 281 12.80 46.60 -8.40
CA LYS C 281 12.86 48.03 -8.16
C LYS C 281 14.01 48.40 -7.23
N VAL C 282 14.17 47.66 -6.12
CA VAL C 282 15.08 48.08 -5.05
C VAL C 282 16.25 47.12 -4.84
N ARG C 283 16.19 45.91 -5.36
CA ARG C 283 17.31 44.97 -5.29
C ARG C 283 17.80 44.83 -3.84
N PRO C 284 16.94 44.43 -2.92
CA PRO C 284 17.28 44.55 -1.50
C PRO C 284 18.30 43.50 -1.07
N GLU C 285 19.19 43.89 -0.15
CA GLU C 285 20.22 43.01 0.37
C GLU C 285 19.68 41.97 1.35
N THR C 286 18.39 42.04 1.69
CA THR C 286 17.75 41.04 2.54
C THR C 286 17.19 39.87 1.73
N ALA C 287 17.21 39.97 0.41
CA ALA C 287 16.53 38.98 -0.42
C ALA C 287 17.25 37.65 -0.41
N ALA C 288 18.59 37.67 -0.45
CA ALA C 288 19.32 36.41 -0.54
C ALA C 288 18.98 35.51 0.63
N ASP C 289 18.82 36.09 1.83
CA ASP C 289 18.52 35.29 3.01
C ASP C 289 17.10 34.75 2.98
N GLU C 290 16.14 35.55 2.53
CA GLU C 290 14.78 35.04 2.40
C GLU C 290 14.70 33.97 1.32
N ILE C 291 15.49 34.12 0.25
CA ILE C 291 15.55 33.08 -0.77
C ILE C 291 16.11 31.79 -0.18
N VAL C 292 17.16 31.91 0.64
CA VAL C 292 17.74 30.71 1.24
C VAL C 292 16.78 30.09 2.26
N ARG C 293 16.08 30.92 3.03
CA ARG C 293 15.09 30.38 3.94
C ARG C 293 13.99 29.67 3.18
N TRP C 294 13.52 30.28 2.09
CA TRP C 294 12.43 29.68 1.35
C TRP C 294 12.87 28.43 0.63
N ALA C 295 14.10 28.44 0.10
CA ALA C 295 14.60 27.32 -0.68
C ALA C 295 15.10 26.17 0.18
N THR C 296 15.62 26.45 1.38
CA THR C 296 16.20 25.47 2.29
C THR C 296 16.82 24.32 1.50
N PRO C 297 17.92 24.58 0.77
CA PRO C 297 18.45 23.55 -0.14
C PRO C 297 18.89 22.28 0.54
N VAL C 298 19.38 22.34 1.78
CA VAL C 298 19.65 21.16 2.58
C VAL C 298 18.43 20.96 3.46
N THR C 299 17.61 19.96 3.12
CA THR C 299 16.42 19.71 3.91
C THR C 299 16.79 19.33 5.33
N ALA C 300 17.82 18.52 5.49
CA ALA C 300 18.17 18.05 6.83
C ALA C 300 19.59 17.50 6.89
N PHE C 301 20.26 17.78 8.00
CA PHE C 301 21.51 17.14 8.40
C PHE C 301 21.30 16.51 9.78
N GLN C 302 22.04 15.45 10.08
CA GLN C 302 21.90 14.75 11.35
C GLN C 302 23.12 14.94 12.25
N ARG C 303 22.94 14.53 13.51
CA ARG C 303 24.01 14.38 14.47
C ARG C 303 23.79 13.08 15.25
N THR C 304 24.79 12.68 16.01
CA THR C 304 24.72 11.48 16.83
C THR C 304 25.05 11.85 18.27
N ALA C 305 24.17 11.51 19.20
CA ALA C 305 24.36 11.89 20.60
C ALA C 305 25.51 11.09 21.19
N LEU C 306 26.55 11.79 21.66
CA LEU C 306 27.67 11.15 22.33
C LEU C 306 27.39 10.87 23.81
N ARG C 307 26.24 11.28 24.32
CA ARG C 307 25.84 10.97 25.69
C ARG C 307 24.34 11.23 25.79
N ASP C 308 23.76 10.76 26.90
CA ASP C 308 22.39 11.11 27.23
C ASP C 308 22.25 12.63 27.27
N TYR C 309 21.16 13.13 26.70
CA TYR C 309 20.93 14.57 26.64
C TYR C 309 19.43 14.80 26.60
N GLU C 310 18.95 15.68 27.48
CA GLU C 310 17.53 16.04 27.51
C GLU C 310 17.34 17.31 26.69
N LEU C 311 16.51 17.22 25.64
CA LEU C 311 16.30 18.32 24.71
C LEU C 311 14.83 18.69 24.72
N SER C 312 14.51 19.88 25.22
CA SER C 312 13.13 20.36 25.29
C SER C 312 12.22 19.29 25.88
N GLY C 313 12.71 18.61 26.91
CA GLY C 313 11.90 17.66 27.65
C GLY C 313 11.91 16.25 27.12
N VAL C 314 12.59 15.99 26.00
CA VAL C 314 12.68 14.66 25.42
C VAL C 314 14.07 14.11 25.67
N GLN C 315 14.17 12.88 26.16
CA GLN C 315 15.43 12.28 26.53
C GLN C 315 16.08 11.66 25.30
N ILE C 316 17.19 12.24 24.86
CA ILE C 316 18.02 11.66 23.81
C ILE C 316 19.04 10.74 24.48
N LYS C 317 19.09 9.49 24.03
CA LYS C 317 20.02 8.53 24.60
C LYS C 317 21.28 8.40 23.74
N LYS C 318 22.40 8.10 24.42
CA LYS C 318 23.69 7.97 23.76
C LYS C 318 23.59 7.03 22.56
N GLY C 319 24.19 7.45 21.45
CA GLY C 319 24.21 6.66 20.24
C GLY C 319 23.02 6.86 19.33
N GLN C 320 22.00 7.60 19.76
CA GLN C 320 20.84 7.85 18.92
C GLN C 320 21.11 9.02 17.99
N ARG C 321 20.56 8.93 16.78
CA ARG C 321 20.66 10.00 15.81
C ARG C 321 19.54 11.02 15.99
N VAL C 322 19.89 12.29 15.87
CA VAL C 322 18.92 13.38 15.74
C VAL C 322 19.08 13.98 14.35
N VAL C 323 17.96 14.16 13.65
CA VAL C 323 17.95 14.75 12.30
C VAL C 323 17.30 16.12 12.40
N MET C 324 18.10 17.16 12.09
CA MET C 324 17.61 18.53 12.10
C MET C 324 16.97 18.85 10.76
N PHE C 325 15.66 19.02 10.75
CA PHE C 325 14.93 19.33 9.52
C PHE C 325 14.89 20.84 9.38
N TYR C 326 15.92 21.38 8.71
CA TYR C 326 15.94 22.80 8.42
C TYR C 326 14.66 23.23 7.71
N ARG C 327 14.09 22.36 6.87
CA ARG C 327 12.88 22.71 6.13
C ARG C 327 11.73 23.01 7.10
N SER C 328 11.69 22.32 8.24
CA SER C 328 10.65 22.62 9.22
C SER C 328 11.00 23.86 10.03
N ALA C 329 12.23 23.92 10.53
CA ALA C 329 12.66 25.04 11.37
C ALA C 329 12.51 26.37 10.66
N ASN C 330 12.72 26.39 9.35
CA ASN C 330 12.68 27.66 8.64
C ASN C 330 11.26 28.17 8.42
N PHE C 331 10.25 27.41 8.86
CA PHE C 331 8.85 27.80 8.86
C PHE C 331 8.24 27.64 10.26
N ASP C 332 9.08 27.71 11.29
CA ASP C 332 8.64 27.67 12.68
C ASP C 332 7.76 28.87 13.01
N GLU C 333 6.50 28.59 13.31
CA GLU C 333 5.53 29.65 13.55
C GLU C 333 5.85 30.47 14.79
N GLU C 334 6.54 29.88 15.78
CA GLU C 334 6.89 30.63 16.98
C GLU C 334 8.04 31.60 16.76
N VAL C 335 8.79 31.44 15.68
CA VAL C 335 9.94 32.31 15.41
C VAL C 335 9.63 33.36 14.36
N PHE C 336 8.94 32.98 13.28
CA PHE C 336 8.79 33.86 12.12
C PHE C 336 7.46 34.59 12.06
N GLN C 337 6.45 34.14 12.81
CA GLN C 337 5.16 34.82 12.88
C GLN C 337 4.37 34.66 11.58
N ASP C 338 4.97 34.97 10.43
CA ASP C 338 4.36 34.72 9.13
C ASP C 338 5.31 33.88 8.28
N PRO C 339 5.60 32.65 8.70
CA PRO C 339 6.62 31.85 8.00
C PRO C 339 6.25 31.53 6.57
N PHE C 340 4.98 31.39 6.24
CA PHE C 340 4.56 31.04 4.89
C PHE C 340 4.41 32.26 4.00
N THR C 341 4.85 33.43 4.47
CA THR C 341 4.94 34.61 3.63
C THR C 341 6.35 34.70 3.06
N PHE C 342 6.46 34.88 1.74
CA PHE C 342 7.74 35.12 1.08
C PHE C 342 7.95 36.63 1.09
N ASN C 343 8.83 37.11 1.98
CA ASN C 343 9.06 38.54 2.21
C ASN C 343 10.54 38.83 2.09
N ILE C 344 10.95 39.42 0.96
CA ILE C 344 12.37 39.57 0.64
C ILE C 344 12.97 40.71 1.47
N LEU C 345 12.13 41.44 2.21
CA LEU C 345 12.60 42.43 3.16
C LEU C 345 12.66 41.90 4.60
N ARG C 346 12.43 40.60 4.79
CA ARG C 346 12.41 40.03 6.13
C ARG C 346 13.69 40.36 6.88
N ASN C 347 13.54 40.90 8.09
CA ASN C 347 14.66 41.48 8.81
C ASN C 347 14.22 41.80 10.24
N PRO C 348 14.71 41.07 11.25
CA PRO C 348 15.74 40.02 11.17
C PRO C 348 15.25 38.74 10.50
N ASN C 349 16.18 37.89 10.08
CA ASN C 349 15.88 36.62 9.40
C ASN C 349 16.76 35.56 10.03
N PRO C 350 16.34 34.98 11.16
CA PRO C 350 17.17 33.97 11.83
C PRO C 350 17.02 32.57 11.27
N HIS C 351 16.94 32.44 9.95
CA HIS C 351 16.76 31.14 9.34
C HIS C 351 17.99 30.25 9.55
N VAL C 352 17.79 28.95 9.36
CA VAL C 352 18.86 27.98 9.53
C VAL C 352 19.16 27.27 8.22
N GLY C 353 18.90 27.95 7.10
CA GLY C 353 19.24 27.37 5.81
C GLY C 353 20.72 27.07 5.67
N PHE C 354 21.55 27.84 6.37
CA PHE C 354 22.98 27.61 6.38
C PHE C 354 23.41 26.83 7.60
N GLY C 355 22.45 26.23 8.30
CA GLY C 355 22.72 25.48 9.51
C GLY C 355 22.48 26.30 10.76
N GLY C 356 22.51 25.60 11.89
CA GLY C 356 22.51 26.28 13.17
C GLY C 356 23.90 26.84 13.44
N THR C 357 23.93 28.03 14.02
CA THR C 357 25.19 28.62 14.45
C THR C 357 25.97 27.61 15.28
N GLY C 358 27.28 27.64 15.16
CA GLY C 358 28.13 26.74 15.90
C GLY C 358 29.37 26.38 15.10
N ALA C 359 29.99 25.28 15.50
CA ALA C 359 31.28 24.90 14.95
C ALA C 359 31.22 24.72 13.45
N HIS C 360 30.12 24.17 12.94
CA HIS C 360 30.04 23.71 11.56
C HIS C 360 29.20 24.63 10.68
N TYR C 361 28.93 25.84 11.14
CA TYR C 361 28.11 26.76 10.35
C TYR C 361 28.74 26.97 8.97
N CYS C 362 27.88 27.11 7.95
CA CYS C 362 28.36 27.15 6.57
C CYS C 362 29.40 28.24 6.35
N ILE C 363 30.64 27.84 6.04
CA ILE C 363 31.67 28.83 5.76
C ILE C 363 31.41 29.53 4.45
N GLY C 364 30.64 28.92 3.56
CA GLY C 364 30.39 29.50 2.26
C GLY C 364 29.17 30.38 2.16
N ALA C 365 28.59 30.78 3.30
CA ALA C 365 27.32 31.49 3.27
C ALA C 365 27.43 32.83 2.55
N ASN C 366 28.51 33.57 2.81
CA ASN C 366 28.69 34.85 2.12
C ASN C 366 28.91 34.64 0.63
N LEU C 367 29.68 33.62 0.26
CA LEU C 367 29.88 33.33 -1.16
C LEU C 367 28.55 32.98 -1.83
N ALA C 368 27.74 32.16 -1.17
CA ALA C 368 26.45 31.79 -1.72
C ALA C 368 25.54 33.00 -1.87
N ARG C 369 25.49 33.85 -0.84
CA ARG C 369 24.61 35.01 -0.93
C ARG C 369 25.05 35.94 -2.06
N MET C 370 26.36 36.09 -2.27
CA MET C 370 26.82 36.91 -3.38
C MET C 370 26.44 36.28 -4.72
N THR C 371 26.65 34.97 -4.85
CA THR C 371 26.21 34.26 -6.06
C THR C 371 24.73 34.50 -6.31
N ILE C 372 23.90 34.28 -5.29
CA ILE C 372 22.47 34.55 -5.40
C ILE C 372 22.21 35.99 -5.82
N ASN C 373 22.80 36.95 -5.09
CA ASN C 373 22.54 38.35 -5.42
C ASN C 373 22.94 38.68 -6.85
N LEU C 374 24.07 38.15 -7.31
CA LEU C 374 24.56 38.50 -8.63
C LEU C 374 23.68 37.91 -9.72
N ILE C 375 23.25 36.66 -9.57
CA ILE C 375 22.42 36.07 -10.62
C ILE C 375 21.05 36.72 -10.66
N PHE C 376 20.47 37.05 -9.48
CA PHE C 376 19.13 37.62 -9.50
C PHE C 376 19.14 39.05 -10.00
N ASN C 377 20.18 39.83 -9.68
CA ASN C 377 20.34 41.13 -10.32
C ASN C 377 20.40 40.98 -11.85
N ALA C 378 21.14 39.97 -12.32
CA ALA C 378 21.25 39.74 -13.76
C ALA C 378 19.92 39.34 -14.37
N VAL C 379 19.16 38.48 -13.68
CA VAL C 379 17.86 38.08 -14.19
C VAL C 379 16.93 39.28 -14.25
N ALA C 380 16.95 40.11 -13.21
CA ALA C 380 16.12 41.30 -13.19
C ALA C 380 16.48 42.22 -14.36
N ASP C 381 17.77 42.34 -14.66
CA ASP C 381 18.21 43.22 -15.74
C ASP C 381 17.79 42.69 -17.11
N HIS C 382 17.98 41.39 -17.36
CA HIS C 382 17.92 40.85 -18.72
C HIS C 382 16.60 40.17 -19.07
N MET C 383 15.84 39.70 -18.09
CA MET C 383 14.56 39.04 -18.35
CA MET C 383 14.56 39.03 -18.34
C MET C 383 13.58 39.39 -17.23
N PRO C 384 13.24 40.67 -17.10
CA PRO C 384 12.33 41.08 -16.03
C PRO C 384 10.92 40.50 -16.14
N ASP C 385 10.54 39.97 -17.30
CA ASP C 385 9.16 39.52 -17.51
C ASP C 385 9.04 38.00 -17.60
N LEU C 386 10.04 37.25 -17.16
CA LEU C 386 9.98 35.81 -17.32
C LEU C 386 8.85 35.23 -16.49
N LYS C 387 8.33 34.09 -16.96
CA LYS C 387 7.21 33.42 -16.33
C LYS C 387 7.36 31.93 -16.61
N PRO C 388 7.02 31.07 -15.66
CA PRO C 388 7.22 29.64 -15.88
C PRO C 388 6.26 29.09 -16.92
N ILE C 389 6.72 28.05 -17.61
CA ILE C 389 5.92 27.33 -18.59
C ILE C 389 5.25 26.10 -17.97
N SER C 390 5.99 25.35 -17.13
CA SER C 390 5.46 24.10 -16.59
C SER C 390 6.06 23.85 -15.21
N ALA C 391 5.50 22.85 -14.54
CA ALA C 391 5.89 22.56 -13.17
C ALA C 391 7.35 22.10 -13.12
N PRO C 392 8.06 22.44 -12.05
CA PRO C 392 9.44 21.95 -11.92
C PRO C 392 9.46 20.46 -11.62
N GLU C 393 10.56 19.81 -11.98
CA GLU C 393 10.77 18.40 -11.66
C GLU C 393 11.74 18.31 -10.47
N ARG C 394 11.31 17.63 -9.43
CA ARG C 394 12.07 17.57 -8.20
C ARG C 394 13.05 16.40 -8.21
N LEU C 395 14.06 16.51 -7.34
CA LEU C 395 15.11 15.50 -7.22
C LEU C 395 14.70 14.45 -6.19
N ARG C 396 14.93 13.19 -6.54
CA ARG C 396 14.77 12.10 -5.57
C ARG C 396 15.99 12.12 -4.66
N SER C 397 15.78 12.50 -3.41
CA SER C 397 16.82 12.55 -2.40
C SER C 397 16.17 12.57 -1.03
N GLY C 398 16.86 11.97 -0.06
CA GLY C 398 16.38 11.93 1.29
C GLY C 398 16.78 13.12 2.14
N TRP C 399 17.58 14.04 1.61
CA TRP C 399 18.14 15.11 2.44
C TRP C 399 18.44 16.38 1.64
N LEU C 400 18.69 16.25 0.33
CA LEU C 400 18.87 17.40 -0.54
CA LEU C 400 18.87 17.40 -0.55
C LEU C 400 17.55 17.79 -1.19
N ASN C 401 17.28 19.09 -1.23
CA ASN C 401 16.04 19.62 -1.81
C ASN C 401 16.39 20.21 -3.17
N GLY C 402 16.11 19.45 -4.23
CA GLY C 402 16.62 19.77 -5.54
C GLY C 402 15.55 19.87 -6.59
N ILE C 403 15.77 20.78 -7.53
CA ILE C 403 15.00 20.90 -8.77
C ILE C 403 15.92 20.49 -9.90
N LYS C 404 15.53 19.42 -10.60
CA LYS C 404 16.31 18.98 -11.75
C LYS C 404 16.05 19.83 -12.98
N HIS C 405 14.79 20.23 -13.20
CA HIS C 405 14.42 20.92 -14.42
C HIS C 405 13.24 21.84 -14.15
N TRP C 406 13.17 22.92 -14.93
CA TRP C 406 12.07 23.87 -14.81
C TRP C 406 12.02 24.71 -16.08
N GLN C 407 10.97 24.53 -16.87
CA GLN C 407 10.83 25.25 -18.12
C GLN C 407 10.22 26.62 -17.88
N VAL C 408 10.88 27.67 -18.40
CA VAL C 408 10.39 29.03 -18.25
C VAL C 408 10.50 29.78 -19.57
N ASP C 409 9.54 30.68 -19.79
CA ASP C 409 9.57 31.63 -20.89
C ASP C 409 10.29 32.88 -20.41
N TYR C 410 11.53 33.08 -20.88
CA TYR C 410 12.33 34.19 -20.37
C TYR C 410 11.79 35.54 -20.83
N THR C 411 11.20 35.61 -22.03
CA THR C 411 10.72 36.88 -22.55
C THR C 411 9.37 37.29 -21.98
N GLY C 412 8.59 36.34 -21.47
CA GLY C 412 7.27 36.63 -20.96
C GLY C 412 6.32 37.07 -22.05
N ARG C 413 5.91 36.13 -22.89
CA ARG C 413 5.03 36.42 -24.02
C ARG C 413 4.12 35.24 -24.31
#